data_8RG7
#
_entry.id   8RG7
#
_cell.length_a   1.00
_cell.length_b   1.00
_cell.length_c   1.00
_cell.angle_alpha   90.00
_cell.angle_beta   90.00
_cell.angle_gamma   90.00
#
_symmetry.space_group_name_H-M   'P 1'
#
loop_
_entity.id
_entity.type
_entity.pdbx_description
1 polymer 'Multidrug resistance ABC transporter ATP-binding/permease protein BmrA'
2 non-polymer 'RHODAMINE 6G'
#
_entity_poly.entity_id   1
_entity_poly.type   'polypeptide(L)'
_entity_poly.pdbx_seq_one_letter_code
;MSSSHHHHHHMPTKKQKSKSKLKPFFALVRRTNPSYGKLAFALALSVVTTLVSLLIPLLTKQLVDGFSMSNLSGTQIGLI
ALVFFVQAGLSAYATYALNYNGQKIISGLRELLWKKLIKLPVSYFDTNASGETVSRVTNDTMVVKELITTHISGFITGII
SVIGSLTILFIMNWKLTLLVLVVVPLAALILVPIGRKMFSISRETQDETARFTGLLNQILPEIRLVKASNAEDVEYGRGK
MGISSLFKLGVREAKVQSLVGPLISLVLMAALVAVIGYGGMQVSSGELTAGALVAFILYLFQIIMPMGQITTFFTQLQKS
IGATERMIEILAEEEEDTVTGKQIENAHLPIQLDRVSFGYKPDQLILKEVSAVIEAGKVTAIVGPSGGGKTTLFKLLERF
YSPTAGTIRLGDEPVDTYSLESWREHIGYVSQESPLMSGTIRENICYGLERDVTDAEIEKAAEMAYALNFIKELPNQFDT
EVGERGIMLSGGQRQRIAIARALLRNPSILMLDAATSSLDSQSEKSVQQALEVLMEGRTTIVIAHRLSTVVDADQLLFVE
KGEITGRGTHHELMASHGLYRDFAEQQLKMNADLENKAG
;
_entity_poly.pdbx_strand_id   A,B
#
# COMPACT_ATOMS: atom_id res chain seq x y z
N SER A 20 -11.17 -6.88 35.10
CA SER A 20 -12.03 -5.72 34.93
C SER A 20 -12.24 -5.40 33.46
N LYS A 21 -11.13 -5.19 32.73
CA LYS A 21 -11.22 -4.86 31.32
C LYS A 21 -11.69 -6.03 30.48
N LEU A 22 -11.60 -7.26 31.00
CA LEU A 22 -12.08 -8.44 30.28
C LEU A 22 -13.58 -8.64 30.41
N LYS A 23 -14.23 -7.93 31.32
CA LYS A 23 -15.69 -8.04 31.46
C LYS A 23 -16.44 -7.60 30.21
N PRO A 24 -16.12 -6.47 29.56
CA PRO A 24 -16.80 -6.18 28.28
C PRO A 24 -16.58 -7.24 27.22
N PHE A 25 -15.37 -7.81 27.14
CA PHE A 25 -15.13 -8.87 26.17
C PHE A 25 -15.96 -10.11 26.47
N PHE A 26 -16.06 -10.47 27.75
CA PHE A 26 -16.88 -11.62 28.13
C PHE A 26 -18.36 -11.36 27.82
N ALA A 27 -18.82 -10.13 28.07
CA ALA A 27 -20.20 -9.80 27.74
C ALA A 27 -20.44 -9.88 26.23
N LEU A 28 -19.49 -9.38 25.44
CA LEU A 28 -19.61 -9.44 23.98
C LEU A 28 -19.66 -10.87 23.49
N VAL A 29 -18.84 -11.74 24.06
CA VAL A 29 -18.91 -13.16 23.73
C VAL A 29 -20.27 -13.73 24.14
N ARG A 30 -20.76 -13.33 25.31
CA ARG A 30 -22.06 -13.77 25.78
C ARG A 30 -23.19 -13.35 24.86
N ARG A 31 -23.02 -12.24 24.12
CA ARG A 31 -24.03 -11.82 23.16
C ARG A 31 -24.40 -12.94 22.21
N THR A 32 -23.42 -13.76 21.83
CA THR A 32 -23.66 -15.00 21.08
C THR A 32 -23.58 -16.14 22.08
N ASN A 33 -24.73 -16.57 22.58
CA ASN A 33 -24.74 -17.50 23.72
C ASN A 33 -24.25 -18.92 23.41
N PRO A 34 -24.31 -19.47 22.15
CA PRO A 34 -23.93 -20.89 22.01
C PRO A 34 -22.44 -21.14 22.23
N SER A 35 -21.93 -20.80 23.41
CA SER A 35 -20.48 -20.83 23.62
C SER A 35 -20.03 -21.85 24.65
N TYR A 36 -20.54 -21.77 25.89
CA TYR A 36 -19.86 -22.43 27.01
C TYR A 36 -19.87 -23.94 26.88
N GLY A 37 -20.98 -24.51 26.40
CA GLY A 37 -21.20 -25.94 26.53
C GLY A 37 -20.10 -26.79 25.91
N LYS A 38 -19.61 -26.37 24.74
CA LYS A 38 -18.52 -27.09 24.10
C LYS A 38 -17.17 -26.42 24.27
N LEU A 39 -17.14 -25.10 24.51
CA LEU A 39 -15.86 -24.43 24.73
C LEU A 39 -15.17 -24.93 26.00
N ALA A 40 -15.96 -25.13 27.07
CA ALA A 40 -15.36 -25.66 28.30
C ALA A 40 -14.77 -27.05 28.08
N PHE A 41 -15.51 -27.90 27.36
CA PHE A 41 -15.01 -29.24 27.04
C PHE A 41 -13.74 -29.15 26.19
N ALA A 42 -13.70 -28.23 25.23
CA ALA A 42 -12.51 -28.08 24.40
C ALA A 42 -11.30 -27.65 25.23
N LEU A 43 -11.50 -26.69 26.13
CA LEU A 43 -10.38 -26.23 26.96
C LEU A 43 -9.88 -27.35 27.86
N ALA A 44 -10.80 -28.09 28.48
CA ALA A 44 -10.39 -29.22 29.32
C ALA A 44 -9.67 -30.28 28.49
N LEU A 45 -10.14 -30.52 27.26
CA LEU A 45 -9.53 -31.50 26.40
C LEU A 45 -8.11 -31.09 26.05
N SER A 46 -7.90 -29.80 25.76
CA SER A 46 -6.55 -29.31 25.47
C SER A 46 -5.64 -29.42 26.69
N VAL A 47 -6.20 -29.18 27.89
CA VAL A 47 -5.41 -29.37 29.10
C VAL A 47 -4.98 -30.82 29.24
N VAL A 48 -5.90 -31.75 28.96
CA VAL A 48 -5.55 -33.17 29.00
C VAL A 48 -4.49 -33.49 27.96
N THR A 49 -4.59 -32.86 26.78
CA THR A 49 -3.56 -33.03 25.76
C THR A 49 -2.19 -32.60 26.28
N THR A 50 -2.13 -31.44 26.91
CA THR A 50 -0.85 -30.98 27.47
C THR A 50 -0.34 -31.95 28.53
N LEU A 51 -1.21 -32.38 29.44
CA LEU A 51 -0.78 -33.29 30.50
C LEU A 51 -0.22 -34.58 29.92
N VAL A 52 -0.93 -35.19 28.97
CA VAL A 52 -0.46 -36.45 28.39
C VAL A 52 0.81 -36.22 27.57
N SER A 53 0.99 -35.01 27.04
CA SER A 53 2.23 -34.70 26.34
C SER A 53 3.41 -34.67 27.30
N LEU A 54 3.18 -34.17 28.52
CA LEU A 54 4.27 -34.15 29.51
C LEU A 54 4.77 -35.53 29.90
N LEU A 55 4.00 -36.60 29.64
CA LEU A 55 4.46 -37.93 30.00
C LEU A 55 5.26 -38.63 28.91
N ILE A 56 5.44 -38.01 27.75
CA ILE A 56 6.26 -38.63 26.69
C ILE A 56 7.70 -38.86 27.12
N PRO A 57 8.43 -37.86 27.63
CA PRO A 57 9.85 -38.11 27.97
C PRO A 57 10.03 -39.11 29.08
N LEU A 58 9.07 -39.26 29.99
CA LEU A 58 9.18 -40.31 31.01
C LEU A 58 9.16 -41.69 30.37
N LEU A 59 8.26 -41.90 29.41
CA LEU A 59 8.25 -43.16 28.68
C LEU A 59 9.54 -43.35 27.90
N THR A 60 10.06 -42.28 27.30
CA THR A 60 11.33 -42.39 26.57
C THR A 60 12.46 -42.77 27.52
N LYS A 61 12.50 -42.17 28.71
CA LYS A 61 13.53 -42.48 29.68
C LYS A 61 13.43 -43.93 30.14
N GLN A 62 12.28 -44.60 30.11
CA GLN A 62 12.32 -46.05 30.47
C GLN A 62 12.77 -46.89 29.24
N LEU A 63 12.45 -46.38 28.06
CA LEU A 63 12.75 -47.14 26.83
C LEU A 63 14.25 -47.33 26.72
N VAL A 64 15.05 -46.35 27.14
CA VAL A 64 16.52 -46.49 26.92
C VAL A 64 17.01 -47.75 27.68
N ASP A 65 16.59 -47.89 28.93
CA ASP A 65 17.01 -49.07 29.73
C ASP A 65 16.47 -50.34 29.06
N GLY A 66 15.21 -50.33 28.59
CA GLY A 66 14.76 -51.58 27.93
C GLY A 66 15.55 -51.97 26.67
N PHE A 67 15.89 -50.98 25.84
CA PHE A 67 16.66 -51.31 24.61
C PHE A 67 17.96 -51.93 25.09
N SER A 68 18.70 -51.29 25.98
CA SER A 68 19.91 -51.92 26.55
C SER A 68 19.80 -53.45 26.60
N MET A 69 18.92 -54.01 27.43
CA MET A 69 18.69 -55.50 27.52
C MET A 69 17.99 -56.05 26.26
N SER A 70 16.79 -55.51 25.85
CA SER A 70 16.03 -55.85 24.58
C SER A 70 14.48 -56.02 24.57
N ASN A 71 13.92 -57.05 25.22
CA ASN A 71 12.45 -57.36 25.13
C ASN A 71 11.52 -56.30 25.72
N LEU A 72 11.91 -55.76 26.88
CA LEU A 72 11.11 -54.66 27.48
C LEU A 72 11.16 -53.52 26.47
N SER A 73 12.30 -53.34 25.79
CA SER A 73 12.40 -52.30 24.73
C SER A 73 11.36 -52.54 23.66
N GLY A 74 11.26 -53.76 23.12
CA GLY A 74 10.18 -53.89 22.12
C GLY A 74 8.81 -53.53 22.71
N THR A 75 8.52 -54.04 23.91
CA THR A 75 7.14 -53.77 24.42
C THR A 75 6.90 -52.26 24.60
N GLN A 76 7.87 -51.54 25.16
CA GLN A 76 7.72 -50.08 25.43
C GLN A 76 7.62 -49.32 24.11
N ILE A 77 8.44 -49.70 23.12
CA ILE A 77 8.46 -48.98 21.82
C ILE A 77 7.02 -49.04 21.37
N GLY A 78 6.38 -50.19 21.59
CA GLY A 78 4.94 -50.13 21.24
C GLY A 78 4.19 -49.05 22.01
N LEU A 79 3.91 -49.20 23.29
CA LEU A 79 3.21 -48.33 24.22
C LEU A 79 3.51 -46.87 23.92
N ILE A 80 4.79 -46.56 23.70
CA ILE A 80 5.16 -45.18 23.37
C ILE A 80 4.43 -44.75 22.11
N ALA A 81 4.42 -45.60 21.09
CA ALA A 81 3.68 -45.28 19.87
C ALA A 81 2.25 -44.91 20.22
N LEU A 82 1.61 -45.72 21.07
CA LEU A 82 0.24 -45.43 21.46
C LEU A 82 0.13 -44.05 22.10
N VAL A 83 1.01 -43.74 23.06
CA VAL A 83 0.88 -42.48 23.77
C VAL A 83 1.23 -41.31 22.86
N PHE A 84 1.68 -41.58 21.63
CA PHE A 84 1.72 -40.54 20.62
C PHE A 84 0.36 -40.33 19.99
N PHE A 85 -0.22 -41.39 19.42
CA PHE A 85 -1.39 -41.23 18.56
C PHE A 85 -2.56 -40.61 19.32
N VAL A 86 -2.88 -41.16 20.49
CA VAL A 86 -3.93 -40.57 21.31
C VAL A 86 -3.60 -39.12 21.61
N GLN A 87 -2.34 -38.86 22.00
CA GLN A 87 -1.91 -37.49 22.28
C GLN A 87 -2.16 -36.60 21.08
N ALA A 88 -1.93 -37.12 19.88
CA ALA A 88 -2.32 -36.38 18.68
C ALA A 88 -3.83 -36.43 18.51
N GLY A 89 -4.41 -37.63 18.51
CA GLY A 89 -5.80 -37.81 18.17
C GLY A 89 -6.72 -36.98 19.03
N LEU A 90 -6.61 -37.18 20.35
CA LEU A 90 -7.36 -36.36 21.29
C LEU A 90 -7.16 -34.88 21.00
N SER A 91 -5.90 -34.46 20.84
CA SER A 91 -5.59 -33.07 20.54
C SER A 91 -6.37 -32.59 19.32
N ALA A 92 -6.39 -33.42 18.27
CA ALA A 92 -7.19 -33.09 17.09
C ALA A 92 -8.62 -32.76 17.49
N TYR A 93 -9.30 -33.73 18.13
CA TYR A 93 -10.69 -33.49 18.49
C TYR A 93 -10.80 -32.33 19.46
N ALA A 94 -9.71 -32.03 20.18
CA ALA A 94 -9.69 -30.81 20.98
C ALA A 94 -9.79 -29.58 20.09
N THR A 95 -8.79 -29.37 19.22
CA THR A 95 -8.66 -28.09 18.54
C THR A 95 -9.87 -27.83 17.65
N TYR A 96 -10.33 -28.86 16.93
CA TYR A 96 -11.54 -28.73 16.13
C TYR A 96 -12.70 -28.27 16.99
N ALA A 97 -12.93 -28.97 18.12
CA ALA A 97 -14.03 -28.61 19.00
C ALA A 97 -13.90 -27.18 19.48
N LEU A 98 -12.68 -26.64 19.50
CA LEU A 98 -12.50 -25.22 19.72
C LEU A 98 -12.67 -24.45 18.41
N ASN A 99 -11.87 -24.82 17.40
CA ASN A 99 -11.76 -23.99 16.20
C ASN A 99 -13.10 -23.84 15.50
N TYR A 100 -13.81 -24.95 15.31
CA TYR A 100 -15.15 -24.89 14.74
C TYR A 100 -16.02 -23.93 15.54
N ASN A 101 -16.06 -24.12 16.86
CA ASN A 101 -16.85 -23.23 17.70
C ASN A 101 -16.39 -21.79 17.57
N GLY A 102 -15.08 -21.59 17.38
CA GLY A 102 -14.59 -20.24 17.18
C GLY A 102 -15.29 -19.55 16.02
N GLN A 103 -15.45 -20.27 14.91
CA GLN A 103 -16.18 -19.70 13.78
C GLN A 103 -17.61 -19.39 14.19
N LYS A 104 -18.25 -20.30 14.93
CA LYS A 104 -19.60 -20.05 15.42
C LYS A 104 -19.62 -18.83 16.34
N ILE A 105 -18.52 -18.57 17.06
CA ILE A 105 -18.45 -17.36 17.87
C ILE A 105 -18.36 -16.14 16.97
N ILE A 106 -17.64 -16.24 15.86
CA ILE A 106 -17.42 -15.07 15.02
C ILE A 106 -18.61 -14.81 14.12
N SER A 107 -19.07 -15.84 13.41
CA SER A 107 -20.15 -15.68 12.44
C SER A 107 -21.33 -14.94 13.03
N GLY A 108 -21.93 -15.51 14.09
CA GLY A 108 -23.05 -14.85 14.73
C GLY A 108 -22.71 -13.45 15.19
N LEU A 109 -21.50 -13.27 15.73
CA LEU A 109 -21.04 -11.94 16.09
C LEU A 109 -21.17 -10.98 14.92
N ARG A 110 -20.61 -11.36 13.77
CA ARG A 110 -20.75 -10.56 12.56
C ARG A 110 -22.22 -10.30 12.27
N GLU A 111 -23.03 -11.36 12.40
CA GLU A 111 -24.47 -11.25 12.31
C GLU A 111 -24.97 -10.03 13.08
N LEU A 112 -24.69 -10.01 14.39
CA LEU A 112 -25.13 -8.90 15.23
C LEU A 112 -24.63 -7.58 14.68
N LEU A 113 -23.34 -7.52 14.33
CA LEU A 113 -22.78 -6.27 13.82
C LEU A 113 -23.52 -5.83 12.57
N TRP A 114 -23.80 -6.77 11.67
CA TRP A 114 -24.58 -6.42 10.48
C TRP A 114 -25.96 -5.93 10.88
N LYS A 115 -26.60 -6.64 11.81
CA LYS A 115 -27.92 -6.21 12.28
C LYS A 115 -27.87 -4.81 12.87
N LYS A 116 -26.68 -4.37 13.28
CA LYS A 116 -26.52 -2.98 13.65
C LYS A 116 -26.23 -2.13 12.42
N LEU A 117 -25.18 -2.47 11.67
CA LEU A 117 -24.63 -1.54 10.68
C LEU A 117 -25.57 -1.26 9.52
N ILE A 118 -26.73 -1.90 9.49
CA ILE A 118 -27.77 -1.53 8.53
C ILE A 118 -28.99 -0.93 9.22
N LYS A 119 -29.38 -1.43 10.39
CA LYS A 119 -30.50 -0.85 11.13
C LYS A 119 -30.08 0.40 11.90
N LEU A 120 -28.93 0.36 12.56
CA LEU A 120 -28.46 1.51 13.33
C LEU A 120 -28.30 2.78 12.52
N PRO A 121 -27.57 2.81 11.41
CA PRO A 121 -27.06 4.10 10.93
C PRO A 121 -28.14 5.03 10.40
N VAL A 122 -28.47 6.04 11.20
CA VAL A 122 -29.09 7.25 10.67
C VAL A 122 -28.03 7.96 9.85
N SER A 123 -28.40 8.35 8.62
CA SER A 123 -27.43 8.69 7.58
C SER A 123 -26.19 9.41 8.10
N TYR A 124 -26.38 10.41 8.96
CA TYR A 124 -25.25 11.21 9.44
C TYR A 124 -24.21 10.37 10.15
N PHE A 125 -24.66 9.38 10.95
CA PHE A 125 -23.71 8.52 11.64
C PHE A 125 -22.82 7.77 10.66
N ASP A 126 -23.35 7.44 9.48
CA ASP A 126 -22.55 6.74 8.48
C ASP A 126 -21.75 7.69 7.61
N THR A 127 -21.88 9.01 7.81
CA THR A 127 -21.08 9.96 7.03
C THR A 127 -19.70 10.20 7.63
N ASN A 128 -19.39 9.59 8.78
CA ASN A 128 -18.09 9.83 9.41
C ASN A 128 -16.98 9.11 8.67
N ALA A 129 -17.07 7.77 8.58
CA ALA A 129 -16.02 6.99 7.90
C ALA A 129 -16.65 5.65 7.49
N SER A 130 -16.87 5.48 6.19
CA SER A 130 -17.37 4.20 5.70
C SER A 130 -16.27 3.14 5.69
N GLY A 131 -15.06 3.53 5.28
CA GLY A 131 -13.97 2.56 5.19
C GLY A 131 -13.58 2.00 6.54
N GLU A 132 -13.48 2.87 7.56
CA GLU A 132 -13.16 2.38 8.90
C GLU A 132 -14.25 1.44 9.41
N THR A 133 -15.51 1.82 9.19
CA THR A 133 -16.62 0.99 9.66
C THR A 133 -16.62 -0.38 9.00
N VAL A 134 -16.40 -0.44 7.69
CA VAL A 134 -16.38 -1.74 7.02
C VAL A 134 -15.15 -2.54 7.44
N SER A 135 -14.02 -1.87 7.66
CA SER A 135 -12.83 -2.58 8.11
C SER A 135 -12.99 -3.14 9.51
N ARG A 136 -13.85 -2.52 10.33
CA ARG A 136 -14.07 -3.03 11.68
C ARG A 136 -14.54 -4.48 11.67
N VAL A 137 -15.61 -4.76 10.93
CA VAL A 137 -16.29 -6.05 11.01
C VAL A 137 -15.57 -7.08 10.14
N THR A 138 -14.43 -6.70 9.57
CA THR A 138 -13.61 -7.63 8.81
C THR A 138 -12.22 -7.81 9.39
N ASN A 139 -11.79 -6.94 10.30
CA ASN A 139 -10.50 -7.09 10.96
C ASN A 139 -10.62 -7.41 12.44
N ASP A 140 -11.50 -6.70 13.16
CA ASP A 140 -11.64 -6.97 14.59
C ASP A 140 -12.25 -8.35 14.82
N THR A 141 -13.13 -8.79 13.92
CA THR A 141 -13.66 -10.15 14.01
C THR A 141 -12.55 -11.18 13.87
N MET A 142 -11.64 -10.97 12.92
CA MET A 142 -10.50 -11.88 12.77
C MET A 142 -9.61 -11.85 13.99
N VAL A 143 -9.41 -10.67 14.58
CA VAL A 143 -8.57 -10.55 15.78
C VAL A 143 -9.20 -11.32 16.94
N VAL A 144 -10.51 -11.17 17.13
CA VAL A 144 -11.19 -11.90 18.20
C VAL A 144 -11.14 -13.40 17.93
N LYS A 145 -11.27 -13.81 16.67
CA LYS A 145 -11.16 -15.21 16.33
C LYS A 145 -9.79 -15.76 16.68
N GLU A 146 -8.73 -15.00 16.36
CA GLU A 146 -7.38 -15.45 16.70
C GLU A 146 -7.19 -15.51 18.21
N LEU A 147 -7.79 -14.57 18.94
CA LEU A 147 -7.70 -14.60 20.39
C LEU A 147 -8.38 -15.84 20.97
N ILE A 148 -9.56 -16.19 20.45
CA ILE A 148 -10.35 -17.26 21.04
C ILE A 148 -9.83 -18.63 20.62
N THR A 149 -9.69 -18.85 19.30
CA THR A 149 -9.42 -20.20 18.81
C THR A 149 -8.00 -20.66 19.13
N THR A 150 -7.04 -19.74 19.17
CA THR A 150 -5.65 -20.13 19.33
C THR A 150 -4.98 -19.46 20.53
N HIS A 151 -5.14 -18.16 20.69
CA HIS A 151 -4.29 -17.41 21.60
C HIS A 151 -4.59 -17.75 23.06
N ILE A 152 -5.86 -17.84 23.43
CA ILE A 152 -6.19 -18.18 24.82
C ILE A 152 -5.86 -19.65 25.10
N SER A 153 -6.17 -20.53 24.16
CA SER A 153 -5.78 -21.93 24.32
C SER A 153 -4.27 -22.08 24.31
N GLY A 154 -3.58 -21.31 23.46
CA GLY A 154 -2.13 -21.31 23.48
C GLY A 154 -1.57 -20.84 24.81
N PHE A 155 -2.17 -19.80 25.39
CA PHE A 155 -1.74 -19.32 26.69
C PHE A 155 -1.89 -20.38 27.76
N ILE A 156 -3.06 -21.02 27.82
CA ILE A 156 -3.29 -22.05 28.83
C ILE A 156 -2.32 -23.22 28.62
N THR A 157 -2.18 -23.67 27.37
CA THR A 157 -1.30 -24.79 27.07
C THR A 157 0.14 -24.46 27.44
N GLY A 158 0.60 -23.27 27.09
CA GLY A 158 1.97 -22.89 27.42
C GLY A 158 2.21 -22.81 28.92
N ILE A 159 1.25 -22.23 29.65
CA ILE A 159 1.42 -22.10 31.10
C ILE A 159 1.53 -23.48 31.73
N ILE A 160 0.59 -24.37 31.41
CA ILE A 160 0.62 -25.71 32.00
C ILE A 160 1.87 -26.47 31.58
N SER A 161 2.24 -26.39 30.29
CA SER A 161 3.41 -27.10 29.82
C SER A 161 4.67 -26.62 30.52
N VAL A 162 4.84 -25.31 30.68
CA VAL A 162 6.04 -24.78 31.31
C VAL A 162 6.10 -25.20 32.77
N ILE A 163 4.99 -25.03 33.50
CA ILE A 163 5.03 -25.36 34.92
C ILE A 163 5.24 -26.86 35.12
N GLY A 164 4.62 -27.68 34.28
CA GLY A 164 4.80 -29.11 34.39
C GLY A 164 6.23 -29.54 34.08
N SER A 165 6.83 -28.97 33.04
CA SER A 165 8.22 -29.27 32.74
C SER A 165 9.13 -28.86 33.88
N LEU A 166 8.91 -27.68 34.44
CA LEU A 166 9.72 -27.25 35.59
C LEU A 166 9.60 -28.23 36.75
N THR A 167 8.37 -28.59 37.11
CA THR A 167 8.19 -29.48 38.27
C THR A 167 8.77 -30.86 38.01
N ILE A 168 8.65 -31.35 36.77
CA ILE A 168 9.23 -32.63 36.43
C ILE A 168 10.75 -32.57 36.55
N LEU A 169 11.35 -31.45 36.15
CA LEU A 169 12.80 -31.34 36.28
C LEU A 169 13.23 -31.20 37.74
N PHE A 170 12.43 -30.52 38.57
CA PHE A 170 12.76 -30.50 40.00
C PHE A 170 12.71 -31.88 40.61
N ILE A 171 11.61 -32.61 40.43
CA ILE A 171 11.48 -33.93 41.05
C ILE A 171 12.44 -34.90 40.40
N MET A 172 12.87 -34.60 39.17
CA MET A 172 13.66 -35.51 38.37
C MET A 172 15.14 -35.49 38.76
N ASN A 173 15.66 -34.34 39.16
CA ASN A 173 17.07 -34.16 39.48
C ASN A 173 17.16 -33.52 40.86
N TRP A 174 18.36 -33.08 41.23
CA TRP A 174 18.64 -32.47 42.53
C TRP A 174 18.76 -30.96 42.39
N LYS A 175 17.86 -30.39 41.58
CA LYS A 175 17.79 -28.97 41.22
C LYS A 175 19.15 -28.48 40.73
N LEU A 176 19.92 -29.39 40.13
CA LEU A 176 21.26 -29.05 39.64
C LEU A 176 21.22 -28.68 38.16
N THR A 177 20.78 -29.62 37.32
CA THR A 177 20.61 -29.34 35.89
C THR A 177 19.55 -28.28 35.68
N LEU A 178 18.48 -28.31 36.46
CA LEU A 178 17.48 -27.25 36.39
C LEU A 178 18.10 -25.90 36.70
N LEU A 179 19.00 -25.84 37.69
CA LEU A 179 19.62 -24.58 38.06
C LEU A 179 20.52 -24.07 36.94
N VAL A 180 21.39 -24.94 36.41
CA VAL A 180 22.28 -24.49 35.34
C VAL A 180 21.49 -24.14 34.09
N LEU A 181 20.30 -24.71 33.95
CA LEU A 181 19.42 -24.31 32.85
C LEU A 181 18.86 -22.92 33.07
N VAL A 182 18.18 -22.71 34.20
CA VAL A 182 17.49 -21.44 34.45
C VAL A 182 18.48 -20.29 34.55
N VAL A 183 19.75 -20.59 34.85
CA VAL A 183 20.77 -19.55 34.81
C VAL A 183 20.94 -19.04 33.39
N VAL A 184 20.78 -19.92 32.39
CA VAL A 184 21.06 -19.52 31.00
C VAL A 184 20.16 -18.37 30.54
N PRO A 185 18.84 -18.36 30.77
CA PRO A 185 18.06 -17.18 30.42
C PRO A 185 18.52 -15.92 31.14
N LEU A 186 19.00 -16.04 32.39
CA LEU A 186 19.47 -14.87 33.11
C LEU A 186 20.64 -14.21 32.40
N ALA A 187 21.58 -15.02 31.88
CA ALA A 187 22.70 -14.46 31.14
C ALA A 187 22.28 -14.03 29.74
N ALA A 188 21.34 -14.77 29.13
CA ALA A 188 20.88 -14.45 27.78
C ALA A 188 19.99 -13.22 27.75
N LEU A 189 19.55 -12.74 28.92
CA LEU A 189 18.79 -11.49 28.94
C LEU A 189 19.57 -10.35 28.33
N ILE A 190 20.90 -10.39 28.41
CA ILE A 190 21.73 -9.36 27.79
C ILE A 190 21.64 -9.40 26.28
N LEU A 191 21.09 -10.48 25.71
CA LEU A 191 20.99 -10.58 24.26
C LEU A 191 19.95 -9.61 23.71
N VAL A 192 18.87 -9.37 24.46
CA VAL A 192 17.79 -8.51 23.97
C VAL A 192 18.27 -7.09 23.68
N PRO A 193 19.08 -6.44 24.55
CA PRO A 193 19.58 -5.10 24.17
C PRO A 193 20.35 -5.09 22.86
N ILE A 194 21.11 -6.14 22.56
CA ILE A 194 21.80 -6.21 21.28
C ILE A 194 20.80 -6.25 20.14
N GLY A 195 19.72 -7.02 20.31
CA GLY A 195 18.67 -7.04 19.30
C GLY A 195 18.02 -5.68 19.11
N ARG A 196 17.78 -4.97 20.21
CA ARG A 196 17.23 -3.62 20.10
C ARG A 196 18.17 -2.68 19.36
N LYS A 197 19.47 -2.77 19.67
CA LYS A 197 20.45 -1.93 18.98
C LYS A 197 20.46 -2.23 17.49
N MET A 198 20.45 -3.51 17.13
CA MET A 198 20.40 -3.89 15.72
C MET A 198 19.13 -3.38 15.05
N PHE A 199 17.98 -3.50 15.73
CA PHE A 199 16.73 -3.03 15.15
C PHE A 199 16.75 -1.54 14.92
N SER A 200 17.27 -0.77 15.88
CA SER A 200 17.35 0.68 15.71
C SER A 200 18.28 1.06 14.58
N ILE A 201 19.45 0.41 14.49
CA ILE A 201 20.39 0.72 13.42
C ILE A 201 19.78 0.40 12.06
N SER A 202 19.13 -0.76 11.95
CA SER A 202 18.49 -1.13 10.70
C SER A 202 17.39 -0.14 10.34
N ARG A 203 16.57 0.26 11.32
CA ARG A 203 15.48 1.17 11.04
C ARG A 203 15.99 2.52 10.54
N GLU A 204 17.06 3.04 11.16
CA GLU A 204 17.65 4.27 10.66
C GLU A 204 18.25 4.05 9.27
N THR A 205 18.71 2.82 8.99
CA THR A 205 19.20 2.53 7.64
C THR A 205 18.10 2.65 6.61
N GLN A 206 16.93 2.04 6.86
CA GLN A 206 15.85 2.20 5.89
C GLN A 206 15.33 3.63 5.88
N ASP A 207 15.46 4.37 6.98
CA ASP A 207 15.08 5.79 6.97
C ASP A 207 15.96 6.57 6.01
N GLU A 208 17.27 6.35 6.08
CA GLU A 208 18.19 7.02 5.16
C GLU A 208 17.95 6.57 3.72
N THR A 209 17.63 5.28 3.53
CA THR A 209 17.31 4.79 2.19
C THR A 209 16.07 5.48 1.64
N ALA A 210 15.04 5.66 2.48
CA ALA A 210 13.84 6.36 2.05
C ALA A 210 14.15 7.82 1.70
N ARG A 211 15.02 8.46 2.49
CA ARG A 211 15.42 9.82 2.17
C ARG A 211 16.11 9.89 0.81
N PHE A 212 17.02 8.94 0.55
CA PHE A 212 17.70 8.89 -0.74
C PHE A 212 16.71 8.66 -1.89
N THR A 213 15.76 7.75 -1.69
CA THR A 213 14.76 7.49 -2.71
C THR A 213 13.92 8.73 -2.98
N GLY A 214 13.57 9.47 -1.93
CA GLY A 214 12.86 10.72 -2.11
C GLY A 214 13.68 11.74 -2.88
N LEU A 215 14.99 11.81 -2.61
CA LEU A 215 15.85 12.74 -3.33
C LEU A 215 15.85 12.43 -4.83
N LEU A 216 16.01 11.16 -5.17
CA LEU A 216 16.00 10.80 -6.60
C LEU A 216 14.62 10.95 -7.23
N ASN A 217 13.56 10.67 -6.48
CA ASN A 217 12.21 10.88 -7.00
C ASN A 217 11.88 12.36 -7.13
N GLN A 218 12.66 13.23 -6.47
CA GLN A 218 12.54 14.65 -6.71
C GLN A 218 13.37 15.09 -7.91
N ILE A 219 14.54 14.50 -8.10
CA ILE A 219 15.44 14.95 -9.17
C ILE A 219 14.98 14.45 -10.53
N LEU A 220 14.79 13.13 -10.67
CA LEU A 220 14.57 12.55 -12.00
C LEU A 220 13.32 13.07 -12.71
N PRO A 221 12.16 13.19 -12.06
CA PRO A 221 11.00 13.76 -12.79
C PRO A 221 11.25 15.16 -13.31
N GLU A 222 12.16 15.91 -12.70
CA GLU A 222 12.54 17.23 -13.18
C GLU A 222 13.78 17.19 -14.08
N ILE A 223 14.00 16.09 -14.78
CA ILE A 223 15.16 15.96 -15.66
C ILE A 223 15.12 16.97 -16.79
N ARG A 224 13.93 17.50 -17.12
CA ARG A 224 13.82 18.48 -18.18
C ARG A 224 14.66 19.71 -17.90
N LEU A 225 14.51 20.29 -16.70
CA LEU A 225 15.28 21.47 -16.34
C LEU A 225 16.77 21.17 -16.26
N VAL A 226 17.12 19.99 -15.74
CA VAL A 226 18.52 19.62 -15.62
C VAL A 226 19.17 19.53 -17.00
N LYS A 227 18.50 18.88 -17.94
CA LYS A 227 19.01 18.81 -19.31
C LYS A 227 18.98 20.18 -19.97
N ALA A 228 18.10 21.07 -19.51
CA ALA A 228 17.95 22.36 -20.17
C ALA A 228 19.22 23.19 -20.09
N SER A 229 19.85 23.22 -18.92
CA SER A 229 21.01 24.09 -18.69
C SER A 229 22.30 23.34 -18.44
N ASN A 230 22.45 22.14 -19.02
CA ASN A 230 23.67 21.32 -18.92
C ASN A 230 24.22 21.27 -17.48
N ALA A 231 23.30 21.21 -16.52
CA ALA A 231 23.65 21.26 -15.11
C ALA A 231 24.00 19.90 -14.52
N GLU A 232 24.12 18.86 -15.36
CA GLU A 232 24.37 17.52 -14.82
C GLU A 232 25.60 17.49 -13.91
N ASP A 233 26.65 18.23 -14.29
CA ASP A 233 27.90 18.20 -13.54
C ASP A 233 27.70 18.58 -12.09
N VAL A 234 26.67 19.36 -11.77
CA VAL A 234 26.35 19.62 -10.38
C VAL A 234 25.26 18.70 -9.87
N GLU A 235 24.27 18.38 -10.72
CA GLU A 235 23.17 17.53 -10.27
C GLU A 235 23.68 16.15 -9.89
N TYR A 236 24.44 15.53 -10.79
CA TYR A 236 25.14 14.29 -10.46
C TYR A 236 25.95 14.44 -9.18
N GLY A 237 26.56 15.60 -8.98
CA GLY A 237 27.33 15.83 -7.77
C GLY A 237 26.50 15.59 -6.52
N ARG A 238 25.26 16.08 -6.53
CA ARG A 238 24.37 15.85 -5.39
C ARG A 238 24.23 14.35 -5.13
N GLY A 239 24.03 13.57 -6.19
CA GLY A 239 23.95 12.13 -6.03
C GLY A 239 25.19 11.56 -5.38
N LYS A 240 26.37 12.06 -5.77
CA LYS A 240 27.60 11.59 -5.17
C LYS A 240 27.59 11.79 -3.67
N MET A 241 27.00 12.90 -3.20
CA MET A 241 26.81 13.08 -1.77
C MET A 241 25.88 12.01 -1.21
N GLY A 242 24.71 11.85 -1.83
CA GLY A 242 23.67 10.97 -1.32
C GLY A 242 24.17 9.57 -1.00
N ILE A 243 24.62 8.85 -2.03
CA ILE A 243 25.13 7.49 -1.82
C ILE A 243 26.24 7.50 -0.79
N SER A 244 27.10 8.53 -0.83
CA SER A 244 28.19 8.60 0.13
C SER A 244 27.66 8.55 1.56
N SER A 245 26.63 9.36 1.84
CA SER A 245 26.00 9.29 3.15
C SER A 245 25.59 7.87 3.47
N LEU A 246 24.85 7.25 2.55
CA LEU A 246 24.47 5.85 2.73
C LEU A 246 25.70 5.01 3.01
N PHE A 247 26.74 5.16 2.19
CA PHE A 247 27.96 4.40 2.39
C PHE A 247 28.47 4.60 3.81
N LYS A 248 28.59 5.86 4.24
CA LYS A 248 29.02 6.11 5.61
C LYS A 248 28.13 5.37 6.60
N LEU A 249 26.82 5.56 6.47
CA LEU A 249 25.90 4.86 7.35
C LEU A 249 26.09 3.36 7.22
N GLY A 250 26.24 2.88 5.99
CA GLY A 250 26.46 1.46 5.79
C GLY A 250 27.66 0.98 6.58
N VAL A 251 28.75 1.73 6.52
CA VAL A 251 29.95 1.33 7.25
C VAL A 251 29.59 1.12 8.71
N ARG A 252 28.87 2.08 9.29
CA ARG A 252 28.53 1.99 10.71
C ARG A 252 27.79 0.69 10.99
N GLU A 253 26.74 0.39 10.23
CA GLU A 253 25.96 -0.80 10.54
C GLU A 253 26.84 -2.03 10.39
N ALA A 254 27.70 -2.04 9.37
CA ALA A 254 28.62 -3.16 9.20
C ALA A 254 29.43 -3.34 10.48
N LYS A 255 30.02 -2.26 10.98
CA LYS A 255 30.77 -2.32 12.22
C LYS A 255 29.88 -2.85 13.34
N VAL A 256 28.67 -2.30 13.45
CA VAL A 256 27.74 -2.79 14.46
C VAL A 256 27.45 -4.27 14.23
N GLN A 257 27.22 -4.64 12.97
CA GLN A 257 26.96 -6.04 12.67
C GLN A 257 28.18 -6.90 13.03
N SER A 258 29.38 -6.33 12.89
CA SER A 258 30.57 -7.06 13.27
C SER A 258 30.54 -7.44 14.74
N LEU A 259 29.97 -6.58 15.58
CA LEU A 259 29.83 -6.92 17.00
C LEU A 259 28.51 -7.62 17.28
N VAL A 260 27.57 -7.63 16.33
CA VAL A 260 26.30 -8.30 16.57
C VAL A 260 26.36 -9.76 16.12
N GLY A 261 26.81 -10.00 14.90
CA GLY A 261 26.76 -11.31 14.29
C GLY A 261 27.28 -12.44 15.15
N PRO A 262 28.57 -12.40 15.49
CA PRO A 262 29.13 -13.47 16.33
C PRO A 262 28.47 -13.60 17.70
N LEU A 263 28.04 -12.49 18.29
CA LEU A 263 27.58 -12.53 19.69
C LEU A 263 26.39 -13.46 19.86
N ILE A 264 25.34 -13.30 19.05
CA ILE A 264 24.23 -14.24 19.11
C ILE A 264 24.73 -15.65 18.86
N SER A 265 25.65 -15.81 17.91
CA SER A 265 26.28 -17.11 17.71
C SER A 265 27.08 -17.53 18.93
N LEU A 266 27.83 -16.61 19.53
CA LEU A 266 28.75 -16.96 20.60
C LEU A 266 28.01 -17.50 21.82
N VAL A 267 27.20 -16.65 22.46
CA VAL A 267 26.59 -17.00 23.74
C VAL A 267 25.77 -18.28 23.61
N LEU A 268 25.01 -18.41 22.53
CA LEU A 268 24.20 -19.60 22.32
C LEU A 268 25.08 -20.85 22.38
N MET A 269 26.21 -20.84 21.67
CA MET A 269 27.18 -21.92 21.82
C MET A 269 27.41 -22.23 23.28
N ALA A 270 27.92 -21.25 24.02
CA ALA A 270 28.17 -21.44 25.44
C ALA A 270 26.93 -21.97 26.13
N ALA A 271 25.77 -21.38 25.82
CA ALA A 271 24.52 -21.80 26.44
C ALA A 271 24.34 -23.30 26.30
N LEU A 272 24.46 -23.80 25.07
CA LEU A 272 24.35 -25.24 24.86
C LEU A 272 25.41 -25.97 25.66
N VAL A 273 26.67 -25.55 25.52
CA VAL A 273 27.74 -26.18 26.27
C VAL A 273 27.53 -25.99 27.77
N ALA A 274 26.85 -24.91 28.15
CA ALA A 274 26.57 -24.68 29.56
C ALA A 274 25.59 -25.71 30.10
N VAL A 275 24.61 -26.13 29.28
CA VAL A 275 23.55 -26.98 29.81
C VAL A 275 23.72 -28.43 29.38
N ILE A 276 23.76 -28.70 28.07
CA ILE A 276 23.72 -30.07 27.59
C ILE A 276 25.00 -30.80 28.00
N GLY A 277 26.15 -30.17 27.77
CA GLY A 277 27.40 -30.74 28.22
C GLY A 277 27.44 -30.91 29.73
N TYR A 278 26.70 -30.05 30.44
CA TYR A 278 26.56 -30.22 31.88
C TYR A 278 25.96 -31.57 32.20
N GLY A 279 24.91 -31.96 31.46
CA GLY A 279 24.34 -33.29 31.61
C GLY A 279 25.36 -34.38 31.39
N GLY A 280 26.46 -34.06 30.70
CA GLY A 280 27.54 -35.01 30.57
C GLY A 280 27.98 -35.60 31.89
N MET A 281 28.19 -34.73 32.90
CA MET A 281 28.52 -35.25 34.22
C MET A 281 27.50 -36.30 34.65
N GLN A 282 26.23 -35.94 34.55
CA GLN A 282 25.15 -36.81 34.99
C GLN A 282 25.14 -38.14 34.25
N VAL A 283 25.69 -38.18 33.04
CA VAL A 283 25.76 -39.44 32.31
C VAL A 283 27.15 -40.06 32.31
N SER A 284 28.16 -39.36 32.83
CA SER A 284 29.50 -39.92 32.86
C SER A 284 29.77 -40.66 34.18
N SER A 285 29.80 -39.92 35.29
CA SER A 285 30.03 -40.51 36.59
C SER A 285 29.11 -39.99 37.67
N GLY A 286 28.31 -38.95 37.42
CA GLY A 286 27.54 -38.35 38.48
C GLY A 286 26.40 -39.22 38.97
N GLU A 287 25.41 -39.46 38.12
CA GLU A 287 24.20 -40.16 38.52
C GLU A 287 23.79 -41.14 37.42
N LEU A 288 22.60 -41.70 37.59
CA LEU A 288 22.04 -42.67 36.63
C LEU A 288 21.13 -41.94 35.63
N THR A 289 21.75 -41.06 34.86
CA THR A 289 21.05 -40.11 33.99
C THR A 289 21.10 -40.54 32.52
N ALA A 290 21.46 -41.80 32.25
CA ALA A 290 21.63 -42.26 30.88
C ALA A 290 20.40 -41.97 30.03
N GLY A 291 19.22 -42.37 30.51
CA GLY A 291 17.99 -41.96 29.85
C GLY A 291 17.41 -40.67 30.38
N ALA A 292 17.79 -40.28 31.58
CA ALA A 292 17.32 -39.00 32.09
C ALA A 292 17.87 -37.83 31.27
N LEU A 293 19.01 -38.03 30.60
CA LEU A 293 19.55 -36.97 29.74
C LEU A 293 18.67 -36.76 28.51
N VAL A 294 18.28 -37.84 27.83
CA VAL A 294 17.40 -37.70 26.68
C VAL A 294 16.03 -37.17 27.13
N ALA A 295 15.57 -37.59 28.31
CA ALA A 295 14.33 -37.03 28.82
C ALA A 295 14.47 -35.53 29.08
N PHE A 296 15.62 -35.11 29.60
CA PHE A 296 15.84 -33.68 29.86
C PHE A 296 15.90 -32.89 28.56
N ILE A 297 16.51 -33.45 27.52
CA ILE A 297 16.53 -32.76 26.23
C ILE A 297 15.13 -32.64 25.66
N LEU A 298 14.32 -33.71 25.78
CA LEU A 298 12.94 -33.64 25.35
C LEU A 298 12.18 -32.55 26.10
N TYR A 299 12.36 -32.48 27.42
CA TYR A 299 11.71 -31.41 28.17
C TYR A 299 12.25 -30.03 27.82
N LEU A 300 13.52 -29.95 27.42
CA LEU A 300 14.06 -28.67 26.97
C LEU A 300 13.33 -28.20 25.73
N PHE A 301 13.07 -29.11 24.78
CA PHE A 301 12.23 -28.75 23.64
C PHE A 301 10.81 -28.43 24.08
N GLN A 302 10.30 -29.18 25.06
CA GLN A 302 8.96 -28.98 25.59
C GLN A 302 8.79 -27.56 26.13
N ILE A 303 9.84 -27.02 26.75
CA ILE A 303 9.77 -25.68 27.34
C ILE A 303 10.09 -24.62 26.29
N ILE A 304 10.94 -24.95 25.31
CA ILE A 304 11.30 -23.98 24.29
C ILE A 304 10.11 -23.70 23.37
N MET A 305 9.28 -24.71 23.11
CA MET A 305 8.16 -24.52 22.20
C MET A 305 7.20 -23.41 22.63
N PRO A 306 6.66 -23.40 23.86
CA PRO A 306 5.53 -22.50 24.15
C PRO A 306 5.93 -21.09 24.51
N MET A 307 7.22 -20.76 24.58
CA MET A 307 7.61 -19.39 24.91
C MET A 307 7.13 -18.41 23.84
N GLY A 308 7.31 -18.78 22.57
CA GLY A 308 6.79 -17.94 21.50
C GLY A 308 5.30 -17.78 21.57
N GLN A 309 4.58 -18.86 21.84
CA GLN A 309 3.13 -18.78 21.95
C GLN A 309 2.71 -17.86 23.09
N ILE A 310 3.37 -17.97 24.24
CA ILE A 310 2.97 -17.20 25.40
C ILE A 310 3.25 -15.71 25.17
N THR A 311 4.39 -15.40 24.55
CA THR A 311 4.69 -13.99 24.32
C THR A 311 3.80 -13.41 23.23
N THR A 312 3.47 -14.21 22.21
CA THR A 312 2.54 -13.73 21.19
C THR A 312 1.17 -13.46 21.77
N PHE A 313 0.69 -14.33 22.67
CA PHE A 313 -0.60 -14.09 23.30
C PHE A 313 -0.55 -12.83 24.17
N PHE A 314 0.54 -12.65 24.93
CA PHE A 314 0.63 -11.47 25.79
C PHE A 314 0.69 -10.19 24.97
N THR A 315 1.31 -10.25 23.78
CA THR A 315 1.30 -9.09 22.90
C THR A 315 -0.08 -8.87 22.28
N GLN A 316 -0.72 -9.93 21.82
CA GLN A 316 -2.01 -9.83 21.12
C GLN A 316 -3.16 -9.49 22.04
N LEU A 317 -3.00 -9.62 23.36
CA LEU A 317 -4.10 -9.30 24.27
C LEU A 317 -4.53 -7.84 24.15
N GLN A 318 -3.56 -6.93 24.03
CA GLN A 318 -3.89 -5.51 23.91
C GLN A 318 -4.66 -5.23 22.62
N LYS A 319 -4.22 -5.80 21.50
CA LYS A 319 -4.94 -5.61 20.25
C LYS A 319 -6.34 -6.20 20.33
N SER A 320 -6.48 -7.36 20.98
CA SER A 320 -7.79 -7.97 21.12
C SER A 320 -8.72 -7.11 21.96
N ILE A 321 -8.23 -6.55 23.06
CA ILE A 321 -9.10 -5.72 23.90
C ILE A 321 -9.45 -4.43 23.17
N GLY A 322 -8.53 -3.89 22.38
CA GLY A 322 -8.87 -2.74 21.56
C GLY A 322 -9.95 -3.05 20.54
N ALA A 323 -9.83 -4.20 19.87
CA ALA A 323 -10.85 -4.61 18.91
C ALA A 323 -12.20 -4.77 19.59
N THR A 324 -12.21 -5.37 20.78
CA THR A 324 -13.46 -5.50 21.52
C THR A 324 -14.03 -4.14 21.88
N GLU A 325 -13.17 -3.18 22.21
CA GLU A 325 -13.64 -1.83 22.51
C GLU A 325 -14.31 -1.20 21.30
N ARG A 326 -13.69 -1.32 20.12
CA ARG A 326 -14.33 -0.80 18.92
C ARG A 326 -15.66 -1.51 18.63
N MET A 327 -15.70 -2.83 18.83
CA MET A 327 -16.96 -3.55 18.63
C MET A 327 -18.06 -3.03 19.55
N ILE A 328 -17.76 -2.89 20.84
CA ILE A 328 -18.79 -2.46 21.78
C ILE A 328 -19.17 -1.00 21.53
N GLU A 329 -18.24 -0.20 21.01
CA GLU A 329 -18.59 1.16 20.61
C GLU A 329 -19.56 1.15 19.43
N ILE A 330 -19.32 0.29 18.45
CA ILE A 330 -20.17 0.25 17.26
C ILE A 330 -21.55 -0.28 17.60
N LEU A 331 -21.62 -1.29 18.48
CA LEU A 331 -22.88 -1.97 18.76
C LEU A 331 -23.90 -1.07 19.44
N ALA A 332 -23.48 0.07 19.99
CA ALA A 332 -24.40 0.92 20.73
C ALA A 332 -25.37 1.65 19.81
N GLU A 333 -26.49 2.08 20.39
CA GLU A 333 -27.49 2.94 19.76
C GLU A 333 -28.34 2.15 18.77
N GLU A 334 -29.46 2.72 18.33
CA GLU A 334 -30.37 2.07 17.39
C GLU A 334 -31.30 3.13 16.81
N GLU A 335 -31.71 2.90 15.56
CA GLU A 335 -32.60 3.82 14.86
C GLU A 335 -34.00 3.75 15.48
N GLU A 336 -34.91 4.59 15.00
CA GLU A 336 -36.23 4.72 15.61
C GLU A 336 -37.32 4.64 14.54
N ASP A 337 -37.21 3.65 13.64
CA ASP A 337 -38.20 3.50 12.59
C ASP A 337 -39.58 3.17 13.16
N THR A 338 -39.65 2.13 14.00
CA THR A 338 -40.93 1.75 14.61
C THR A 338 -41.31 2.69 15.74
N VAL A 339 -40.33 3.27 16.42
CA VAL A 339 -40.60 4.14 17.57
C VAL A 339 -41.43 5.36 17.14
N THR A 340 -41.30 5.75 15.88
CA THR A 340 -42.05 6.91 15.38
C THR A 340 -43.55 6.68 15.47
N GLY A 341 -44.01 5.50 15.06
CA GLY A 341 -45.42 5.19 15.09
C GLY A 341 -45.96 4.70 13.77
N LYS A 342 -47.27 4.82 13.57
CA LYS A 342 -47.93 4.37 12.35
C LYS A 342 -49.12 5.26 12.07
N GLN A 343 -48.90 6.32 11.28
CA GLN A 343 -49.96 7.25 10.90
C GLN A 343 -49.91 7.58 9.42
N ILE A 344 -49.80 6.57 8.57
CA ILE A 344 -49.78 6.81 7.13
C ILE A 344 -51.21 7.08 6.65
N GLU A 345 -51.31 7.88 5.59
CA GLU A 345 -52.60 8.25 5.00
C GLU A 345 -52.40 8.68 3.56
N ASN A 346 -53.39 9.37 2.98
CA ASN A 346 -53.30 9.81 1.59
C ASN A 346 -51.96 10.50 1.30
N ALA A 347 -51.45 11.26 2.26
CA ALA A 347 -50.10 11.84 2.17
C ALA A 347 -49.95 12.72 0.94
N HIS A 348 -50.99 13.47 0.62
CA HIS A 348 -50.95 14.43 -0.48
C HIS A 348 -51.13 15.85 0.04
N LEU A 349 -50.82 16.08 1.32
CA LEU A 349 -50.94 17.38 1.93
C LEU A 349 -49.73 18.25 1.61
N PRO A 350 -49.90 19.57 1.57
CA PRO A 350 -48.74 20.45 1.40
C PRO A 350 -47.81 20.38 2.59
N ILE A 351 -46.53 20.64 2.34
CA ILE A 351 -45.50 20.55 3.37
C ILE A 351 -45.07 21.95 3.77
N GLN A 352 -44.75 22.09 5.06
CA GLN A 352 -44.29 23.35 5.62
C GLN A 352 -43.04 23.12 6.45
N LEU A 353 -42.12 24.08 6.38
CA LEU A 353 -40.94 24.10 7.23
C LEU A 353 -40.96 25.38 8.06
N ASP A 354 -40.78 25.24 9.38
CA ASP A 354 -40.91 26.38 10.28
C ASP A 354 -39.70 26.44 11.21
N ARG A 355 -38.86 27.46 11.01
CA ARG A 355 -37.80 27.83 11.96
C ARG A 355 -36.88 26.67 12.27
N VAL A 356 -36.50 25.91 11.25
CA VAL A 356 -35.54 24.82 11.41
C VAL A 356 -34.15 25.43 11.51
N SER A 357 -33.51 25.29 12.68
CA SER A 357 -32.23 25.93 12.96
C SER A 357 -31.26 24.90 13.54
N PHE A 358 -30.57 24.17 12.67
CA PHE A 358 -29.51 23.26 13.10
C PHE A 358 -28.73 22.70 11.90
N GLY A 359 -27.48 22.33 12.14
CA GLY A 359 -26.68 21.64 11.14
C GLY A 359 -26.39 20.22 11.58
N TYR A 360 -25.18 19.99 12.09
CA TYR A 360 -24.81 18.71 12.66
C TYR A 360 -24.59 18.76 14.16
N LYS A 361 -24.39 19.95 14.73
CA LYS A 361 -24.17 20.14 16.16
C LYS A 361 -25.03 21.29 16.65
N PRO A 362 -25.45 21.25 17.92
CA PRO A 362 -26.23 22.39 18.45
C PRO A 362 -25.50 23.73 18.37
N ASP A 363 -24.17 23.72 18.51
CA ASP A 363 -23.42 24.97 18.43
C ASP A 363 -23.26 25.44 16.99
N GLN A 364 -23.05 24.51 16.06
CA GLN A 364 -22.85 24.84 14.65
C GLN A 364 -24.20 24.95 13.96
N LEU A 365 -24.63 26.18 13.68
CA LEU A 365 -25.92 26.42 13.04
C LEU A 365 -25.70 26.61 11.54
N ILE A 366 -25.62 25.48 10.82
CA ILE A 366 -25.56 25.54 9.37
C ILE A 366 -26.84 26.15 8.81
N LEU A 367 -27.98 25.76 9.36
CA LEU A 367 -29.28 26.32 8.99
C LEU A 367 -29.85 27.06 10.20
N LYS A 368 -30.64 28.10 9.93
CA LYS A 368 -31.21 28.89 11.02
C LYS A 368 -32.48 29.57 10.53
N GLU A 369 -33.55 29.48 11.34
CA GLU A 369 -34.78 30.25 11.15
C GLU A 369 -35.27 30.21 9.71
N VAL A 370 -35.56 29.02 9.22
CA VAL A 370 -36.02 28.81 7.85
C VAL A 370 -37.49 28.42 7.87
N SER A 371 -38.27 29.02 6.97
CA SER A 371 -39.66 28.66 6.78
C SER A 371 -39.94 28.58 5.29
N ALA A 372 -40.58 27.49 4.86
CA ALA A 372 -40.86 27.29 3.45
C ALA A 372 -42.22 26.63 3.30
N VAL A 373 -42.87 26.93 2.17
CA VAL A 373 -44.20 26.42 1.86
C VAL A 373 -44.09 25.68 0.53
N ILE A 374 -44.57 24.44 0.49
CA ILE A 374 -44.63 23.67 -0.75
C ILE A 374 -46.05 23.11 -0.88
N GLU A 375 -46.76 23.55 -1.90
CA GLU A 375 -48.14 23.14 -2.11
C GLU A 375 -48.20 21.73 -2.69
N ALA A 376 -49.37 21.10 -2.56
CA ALA A 376 -49.57 19.76 -3.07
C ALA A 376 -49.53 19.77 -4.60
N GLY A 377 -48.76 18.85 -5.17
CA GLY A 377 -48.69 18.73 -6.61
C GLY A 377 -47.92 19.83 -7.31
N LYS A 378 -47.18 20.64 -6.58
CA LYS A 378 -46.44 21.77 -7.14
C LYS A 378 -44.95 21.43 -7.17
N VAL A 379 -44.32 21.68 -8.32
CA VAL A 379 -42.91 21.39 -8.48
C VAL A 379 -42.08 22.39 -7.68
N THR A 380 -41.14 21.89 -6.90
CA THR A 380 -40.27 22.72 -6.05
C THR A 380 -38.82 22.41 -6.37
N ALA A 381 -38.04 23.46 -6.60
CA ALA A 381 -36.62 23.33 -6.90
C ALA A 381 -35.81 24.14 -5.91
N ILE A 382 -34.54 23.76 -5.74
CA ILE A 382 -33.63 24.41 -4.81
C ILE A 382 -32.42 24.90 -5.57
N VAL A 383 -32.07 26.17 -5.37
CA VAL A 383 -30.92 26.79 -6.02
C VAL A 383 -30.08 27.49 -4.97
N GLY A 384 -28.76 27.38 -5.09
CA GLY A 384 -27.84 28.01 -4.17
C GLY A 384 -26.41 27.59 -4.42
N PRO A 385 -25.48 28.11 -3.62
CA PRO A 385 -24.07 27.74 -3.79
C PRO A 385 -23.79 26.34 -3.27
N SER A 386 -22.63 25.82 -3.68
CA SER A 386 -22.22 24.49 -3.24
C SER A 386 -22.02 24.44 -1.73
N GLY A 387 -21.46 25.51 -1.15
CA GLY A 387 -21.28 25.59 0.27
C GLY A 387 -22.51 25.94 1.06
N GLY A 388 -23.64 26.16 0.38
CA GLY A 388 -24.86 26.52 1.06
C GLY A 388 -25.53 25.31 1.71
N GLY A 389 -26.75 25.53 2.17
CA GLY A 389 -27.49 24.52 2.89
C GLY A 389 -28.42 23.68 2.02
N LYS A 390 -28.18 23.67 0.71
CA LYS A 390 -29.03 22.90 -0.20
C LYS A 390 -29.03 21.43 0.17
N THR A 391 -27.84 20.86 0.37
CA THR A 391 -27.74 19.44 0.70
C THR A 391 -28.38 19.15 2.05
N THR A 392 -28.12 19.99 3.05
CA THR A 392 -28.73 19.79 4.36
C THR A 392 -30.23 19.95 4.30
N LEU A 393 -30.71 20.92 3.51
CA LEU A 393 -32.16 21.08 3.33
C LEU A 393 -32.76 19.83 2.69
N PHE A 394 -32.10 19.28 1.67
CA PHE A 394 -32.61 18.08 1.03
C PHE A 394 -32.67 16.92 2.01
N LYS A 395 -31.60 16.72 2.79
CA LYS A 395 -31.57 15.61 3.72
C LYS A 395 -32.58 15.78 4.86
N LEU A 396 -32.88 17.02 5.24
CA LEU A 396 -33.91 17.19 6.27
C LEU A 396 -35.31 17.03 5.68
N LEU A 397 -35.51 17.37 4.41
CA LEU A 397 -36.77 17.02 3.75
C LEU A 397 -36.96 15.50 3.70
N GLU A 398 -35.90 14.76 3.38
CA GLU A 398 -36.02 13.31 3.40
C GLU A 398 -35.91 12.72 4.79
N ARG A 399 -35.93 13.57 5.83
CA ARG A 399 -35.96 13.14 7.23
C ARG A 399 -34.76 12.27 7.60
N PHE A 400 -33.64 12.46 6.91
CA PHE A 400 -32.43 11.75 7.31
C PHE A 400 -31.79 12.38 8.54
N TYR A 401 -32.10 13.63 8.84
CA TYR A 401 -31.59 14.32 10.02
C TYR A 401 -32.73 14.61 10.98
N SER A 402 -32.54 14.27 12.24
CA SER A 402 -33.55 14.55 13.25
C SER A 402 -33.60 16.06 13.50
N PRO A 403 -34.76 16.70 13.34
CA PRO A 403 -34.85 18.14 13.61
C PRO A 403 -34.65 18.43 15.08
N THR A 404 -34.09 19.60 15.36
CA THR A 404 -33.83 20.02 16.74
C THR A 404 -34.97 20.86 17.30
N ALA A 405 -35.24 21.99 16.67
CA ALA A 405 -36.27 22.93 17.14
C ALA A 405 -37.31 23.26 16.08
N GLY A 406 -36.91 23.28 14.81
CA GLY A 406 -37.86 23.59 13.76
C GLY A 406 -38.90 22.49 13.58
N THR A 407 -40.03 22.86 13.01
CA THR A 407 -41.16 21.96 12.85
C THR A 407 -41.46 21.74 11.37
N ILE A 408 -41.64 20.47 10.99
CA ILE A 408 -42.18 20.09 9.70
C ILE A 408 -43.69 19.96 9.87
N ARG A 409 -44.45 20.62 9.02
CA ARG A 409 -45.89 20.75 9.18
C ARG A 409 -46.62 20.08 8.02
N LEU A 410 -47.51 19.15 8.38
CA LEU A 410 -48.58 18.64 7.52
C LEU A 410 -49.89 18.84 8.27
N GLY A 411 -50.96 18.20 7.81
CA GLY A 411 -52.23 18.29 8.52
C GLY A 411 -52.00 17.90 9.97
N ASP A 412 -52.33 18.81 10.90
CA ASP A 412 -52.29 18.57 12.33
C ASP A 412 -50.99 17.98 12.88
N GLU A 413 -49.85 18.42 12.33
CA GLU A 413 -48.53 18.06 12.82
C GLU A 413 -48.34 16.55 13.00
N PRO A 414 -48.42 15.77 11.93
CA PRO A 414 -48.23 14.31 12.04
C PRO A 414 -46.84 13.81 11.72
N VAL A 415 -45.90 14.68 11.35
CA VAL A 415 -44.61 14.23 10.85
C VAL A 415 -43.81 13.53 11.94
N ASP A 416 -43.96 13.97 13.19
CA ASP A 416 -43.20 13.37 14.28
C ASP A 416 -43.63 11.93 14.52
N THR A 417 -44.84 11.57 14.08
CA THR A 417 -45.37 10.21 14.23
C THR A 417 -45.87 9.66 12.90
N TYR A 418 -45.19 9.97 11.80
CA TYR A 418 -45.69 9.63 10.46
C TYR A 418 -45.02 8.38 9.90
N SER A 419 -44.58 7.46 10.76
CA SER A 419 -44.19 6.12 10.35
C SER A 419 -43.11 6.15 9.26
N LEU A 420 -41.91 6.57 9.67
CA LEU A 420 -40.76 6.70 8.78
C LEU A 420 -40.64 5.54 7.79
N GLU A 421 -40.99 4.32 8.20
CA GLU A 421 -41.04 3.23 7.24
C GLU A 421 -42.01 3.54 6.10
N SER A 422 -43.26 3.86 6.45
CA SER A 422 -44.27 4.17 5.46
C SER A 422 -44.06 5.53 4.81
N TRP A 423 -43.61 6.53 5.58
CA TRP A 423 -43.32 7.83 4.99
C TRP A 423 -42.24 7.74 3.93
N ARG A 424 -41.15 7.03 4.24
CA ARG A 424 -40.08 6.88 3.26
C ARG A 424 -40.46 5.91 2.15
N GLU A 425 -41.42 5.02 2.42
CA GLU A 425 -41.96 4.19 1.36
C GLU A 425 -42.66 5.04 0.29
N HIS A 426 -43.39 6.07 0.73
CA HIS A 426 -44.10 6.94 -0.20
C HIS A 426 -43.15 7.83 -1.00
N ILE A 427 -41.87 7.85 -0.65
CA ILE A 427 -40.90 8.75 -1.27
C ILE A 427 -40.07 7.97 -2.28
N GLY A 428 -39.99 8.50 -3.51
CA GLY A 428 -39.04 8.02 -4.49
C GLY A 428 -37.83 8.94 -4.52
N TYR A 429 -36.65 8.35 -4.72
CA TYR A 429 -35.39 9.07 -4.62
C TYR A 429 -34.55 8.84 -5.88
N VAL A 430 -33.90 9.90 -6.35
CA VAL A 430 -32.94 9.80 -7.44
C VAL A 430 -31.93 10.94 -7.31
N SER A 431 -30.66 10.64 -7.57
CA SER A 431 -29.57 11.58 -7.37
C SER A 431 -28.76 11.77 -8.64
N GLN A 432 -27.88 12.78 -8.61
CA GLN A 432 -27.02 13.05 -9.75
C GLN A 432 -26.06 11.91 -10.01
N GLU A 433 -25.49 11.33 -8.96
CA GLU A 433 -24.50 10.27 -9.13
C GLU A 433 -25.10 9.06 -9.81
N SER A 434 -26.32 8.69 -9.43
CA SER A 434 -27.01 7.52 -9.96
C SER A 434 -26.11 6.29 -9.92
N PRO A 435 -25.73 5.82 -8.73
CA PRO A 435 -24.79 4.69 -8.64
C PRO A 435 -25.52 3.36 -8.75
N LEU A 436 -25.05 2.51 -9.65
CA LEU A 436 -25.69 1.22 -9.86
C LEU A 436 -25.32 0.26 -8.75
N MET A 437 -26.34 -0.40 -8.19
CA MET A 437 -26.11 -1.44 -7.20
C MET A 437 -25.61 -2.69 -7.92
N SER A 438 -24.42 -3.16 -7.53
CA SER A 438 -23.74 -4.19 -8.30
C SER A 438 -24.52 -5.50 -8.28
N GLY A 439 -24.33 -6.29 -9.34
CA GLY A 439 -25.05 -7.53 -9.53
C GLY A 439 -25.71 -7.57 -10.90
N THR A 440 -26.78 -8.35 -11.00
CA THR A 440 -27.53 -8.40 -12.24
C THR A 440 -28.50 -7.22 -12.31
N ILE A 441 -29.01 -6.97 -13.52
CA ILE A 441 -30.01 -5.93 -13.69
C ILE A 441 -31.30 -6.28 -12.95
N ARG A 442 -31.52 -7.56 -12.66
CA ARG A 442 -32.73 -7.97 -11.97
C ARG A 442 -32.77 -7.43 -10.54
N GLU A 443 -31.60 -7.20 -9.92
CA GLU A 443 -31.57 -6.58 -8.60
C GLU A 443 -32.23 -5.22 -8.63
N ASN A 444 -31.80 -4.34 -9.54
CA ASN A 444 -32.43 -3.03 -9.66
C ASN A 444 -33.86 -3.13 -10.18
N ILE A 445 -34.15 -4.15 -10.97
CA ILE A 445 -35.51 -4.32 -11.49
C ILE A 445 -36.49 -4.58 -10.35
N CYS A 446 -36.15 -5.52 -9.47
CA CYS A 446 -37.04 -5.93 -8.39
C CYS A 446 -36.82 -5.16 -7.09
N TYR A 447 -35.83 -4.27 -7.04
CA TYR A 447 -35.55 -3.54 -5.81
C TYR A 447 -36.67 -2.57 -5.50
N GLY A 448 -37.09 -2.54 -4.24
CA GLY A 448 -38.19 -1.68 -3.83
C GLY A 448 -39.57 -2.23 -4.09
N LEU A 449 -39.68 -3.45 -4.61
CA LEU A 449 -40.96 -4.11 -4.82
C LEU A 449 -41.30 -5.07 -3.69
N GLU A 450 -40.91 -4.76 -2.46
CA GLU A 450 -41.22 -5.62 -1.33
C GLU A 450 -42.74 -5.66 -1.11
N ARG A 451 -43.20 -6.79 -0.58
CA ARG A 451 -44.58 -7.13 -0.25
C ARG A 451 -45.40 -7.45 -1.50
N ASP A 452 -44.88 -7.26 -2.70
CA ASP A 452 -45.61 -7.62 -3.92
C ASP A 452 -44.61 -7.78 -5.06
N VAL A 453 -44.41 -9.01 -5.50
CA VAL A 453 -43.53 -9.25 -6.65
C VAL A 453 -44.18 -8.82 -7.96
N THR A 454 -45.51 -8.69 -7.98
CA THR A 454 -46.30 -8.19 -9.10
C THR A 454 -46.16 -9.04 -10.37
N ASP A 455 -45.54 -10.20 -10.27
CA ASP A 455 -45.40 -11.15 -11.39
C ASP A 455 -44.64 -10.43 -12.51
N ALA A 456 -45.12 -10.45 -13.75
CA ALA A 456 -44.38 -9.92 -14.89
C ALA A 456 -44.90 -8.58 -15.39
N GLU A 457 -45.68 -7.85 -14.58
CA GLU A 457 -46.15 -6.54 -15.01
C GLU A 457 -45.03 -5.50 -15.01
N ILE A 458 -43.84 -5.86 -14.53
CA ILE A 458 -42.72 -4.91 -14.50
C ILE A 458 -42.37 -4.42 -15.89
N GLU A 459 -42.66 -5.22 -16.92
CA GLU A 459 -42.33 -4.83 -18.28
C GLU A 459 -43.13 -3.61 -18.73
N LYS A 460 -44.42 -3.57 -18.39
CA LYS A 460 -45.24 -2.43 -18.82
C LYS A 460 -44.92 -1.19 -17.99
N ALA A 461 -44.60 -1.39 -16.71
CA ALA A 461 -44.12 -0.28 -15.89
C ALA A 461 -42.83 0.29 -16.46
N ALA A 462 -41.95 -0.57 -16.96
CA ALA A 462 -40.73 -0.11 -17.63
C ALA A 462 -41.05 0.64 -18.91
N GLU A 463 -41.96 0.13 -19.73
CA GLU A 463 -42.20 0.76 -21.02
C GLU A 463 -42.91 2.10 -20.88
N MET A 464 -43.76 2.30 -19.87
CA MET A 464 -44.26 3.67 -19.67
C MET A 464 -43.13 4.60 -19.25
N ALA A 465 -42.10 4.08 -18.62
CA ALA A 465 -40.95 4.89 -18.23
C ALA A 465 -39.93 5.04 -19.36
N TYR A 466 -40.22 4.52 -20.55
CA TYR A 466 -39.37 4.62 -21.73
C TYR A 466 -38.01 3.96 -21.51
N ALA A 467 -37.93 3.03 -20.57
CA ALA A 467 -36.70 2.29 -20.32
C ALA A 467 -36.69 0.92 -20.98
N LEU A 468 -37.86 0.31 -21.15
CA LEU A 468 -37.92 -1.00 -21.80
C LEU A 468 -37.45 -0.93 -23.24
N ASN A 469 -37.90 0.09 -23.98
CA ASN A 469 -37.47 0.23 -25.37
C ASN A 469 -35.98 0.48 -25.47
N PHE A 470 -35.43 1.29 -24.57
CA PHE A 470 -34.00 1.55 -24.59
C PHE A 470 -33.19 0.30 -24.25
N ILE A 471 -33.68 -0.50 -23.28
CA ILE A 471 -32.95 -1.67 -22.81
C ILE A 471 -33.26 -2.87 -23.69
N LYS A 472 -34.12 -2.67 -24.69
CA LYS A 472 -34.47 -3.74 -25.62
C LYS A 472 -33.27 -4.31 -26.38
N GLU A 473 -32.07 -3.75 -26.21
CA GLU A 473 -30.87 -4.47 -26.61
C GLU A 473 -30.85 -5.85 -25.97
N LEU A 474 -31.31 -5.93 -24.72
CA LEU A 474 -31.87 -7.13 -24.09
C LEU A 474 -30.98 -8.36 -24.24
N PRO A 475 -29.84 -8.43 -23.55
CA PRO A 475 -29.05 -9.67 -23.57
C PRO A 475 -29.86 -10.84 -23.03
N ASN A 476 -30.33 -10.74 -21.79
CA ASN A 476 -31.19 -11.76 -21.21
C ASN A 476 -32.31 -11.22 -20.33
N GLN A 477 -32.29 -9.93 -19.97
CA GLN A 477 -33.24 -9.26 -19.08
C GLN A 477 -33.04 -9.67 -17.62
N PHE A 478 -32.23 -10.70 -17.38
CA PHE A 478 -31.80 -11.04 -16.03
C PHE A 478 -30.32 -11.36 -15.91
N ASP A 479 -29.65 -11.75 -16.99
CA ASP A 479 -28.21 -11.97 -17.00
C ASP A 479 -27.43 -10.71 -17.36
N THR A 480 -28.12 -9.58 -17.57
CA THR A 480 -27.46 -8.33 -17.88
C THR A 480 -26.79 -7.81 -16.60
N GLU A 481 -25.74 -8.50 -16.18
CA GLU A 481 -25.09 -8.18 -14.91
C GLU A 481 -24.18 -6.96 -15.07
N VAL A 482 -24.44 -5.93 -14.26
CA VAL A 482 -23.62 -4.73 -14.28
C VAL A 482 -22.22 -5.00 -13.77
N GLY A 483 -21.99 -6.14 -13.12
CA GLY A 483 -20.68 -6.53 -12.64
C GLY A 483 -20.56 -6.43 -11.14
N GLU A 484 -19.52 -7.09 -10.61
CA GLU A 484 -19.23 -6.99 -9.20
C GLU A 484 -18.86 -5.56 -8.81
N ARG A 485 -18.13 -4.87 -9.68
CA ARG A 485 -17.85 -3.45 -9.48
C ARG A 485 -18.92 -2.54 -10.08
N GLY A 486 -19.86 -3.09 -10.84
CA GLY A 486 -20.94 -2.30 -11.41
C GLY A 486 -20.47 -1.19 -12.34
N ILE A 487 -19.59 -1.53 -13.29
CA ILE A 487 -18.92 -0.54 -14.12
C ILE A 487 -19.32 -0.61 -15.59
N MET A 488 -19.95 -1.71 -16.02
CA MET A 488 -20.20 -1.88 -17.46
C MET A 488 -21.53 -1.26 -17.90
N LEU A 489 -21.76 -0.02 -17.48
CA LEU A 489 -22.96 0.70 -17.88
C LEU A 489 -22.66 2.20 -17.87
N SER A 490 -23.36 2.94 -18.72
CA SER A 490 -23.17 4.37 -18.80
C SER A 490 -23.68 5.06 -17.54
N GLY A 491 -23.01 6.16 -17.17
CA GLY A 491 -23.43 6.91 -16.00
C GLY A 491 -24.81 7.52 -16.14
N GLY A 492 -25.17 7.95 -17.34
CA GLY A 492 -26.48 8.49 -17.63
C GLY A 492 -27.54 7.46 -17.92
N GLN A 493 -27.22 6.18 -17.84
CA GLN A 493 -28.16 5.11 -18.14
C GLN A 493 -29.07 4.76 -16.97
N ARG A 494 -28.55 4.80 -15.74
CA ARG A 494 -29.33 4.37 -14.59
C ARG A 494 -30.51 5.30 -14.31
N GLN A 495 -30.54 6.48 -14.91
CA GLN A 495 -31.64 7.41 -14.66
C GLN A 495 -32.98 6.80 -15.08
N ARG A 496 -33.01 6.14 -16.24
CA ARG A 496 -34.26 5.57 -16.73
C ARG A 496 -34.80 4.50 -15.80
N ILE A 497 -33.93 3.56 -15.39
CA ILE A 497 -34.39 2.48 -14.52
C ILE A 497 -34.74 3.01 -13.14
N ALA A 498 -34.01 4.03 -12.66
CA ALA A 498 -34.35 4.63 -11.38
C ALA A 498 -35.73 5.28 -11.42
N ILE A 499 -36.02 6.01 -12.50
CA ILE A 499 -37.35 6.60 -12.66
C ILE A 499 -38.41 5.51 -12.72
N ALA A 500 -38.13 4.43 -13.45
CA ALA A 500 -39.09 3.34 -13.57
C ALA A 500 -39.38 2.71 -12.21
N ARG A 501 -38.34 2.42 -11.43
CA ARG A 501 -38.55 1.78 -10.13
C ARG A 501 -39.24 2.72 -9.16
N ALA A 502 -38.95 4.03 -9.24
CA ALA A 502 -39.63 4.99 -8.40
C ALA A 502 -41.12 5.05 -8.75
N LEU A 503 -41.45 5.02 -10.03
CA LEU A 503 -42.84 5.21 -10.43
C LEU A 503 -43.67 3.94 -10.22
N LEU A 504 -43.07 2.77 -10.42
CA LEU A 504 -43.89 1.56 -10.47
C LEU A 504 -44.44 1.14 -9.11
N ARG A 505 -43.91 1.67 -8.01
CA ARG A 505 -44.41 1.28 -6.70
C ARG A 505 -44.79 2.49 -5.84
N ASN A 506 -44.11 3.61 -6.02
CA ASN A 506 -44.26 4.77 -5.13
C ASN A 506 -44.54 6.03 -5.95
N PRO A 507 -45.76 6.15 -6.51
CA PRO A 507 -46.14 7.37 -7.23
C PRO A 507 -46.83 8.41 -6.35
N SER A 508 -46.19 8.78 -5.24
CA SER A 508 -46.77 9.73 -4.31
C SER A 508 -45.96 11.02 -4.23
N ILE A 509 -44.68 10.95 -3.86
CA ILE A 509 -43.80 12.11 -3.86
C ILE A 509 -42.44 11.65 -4.36
N LEU A 510 -41.82 12.46 -5.23
CA LEU A 510 -40.52 12.14 -5.78
C LEU A 510 -39.52 13.25 -5.46
N MET A 511 -38.26 12.85 -5.29
CA MET A 511 -37.17 13.76 -4.98
C MET A 511 -35.99 13.45 -5.88
N LEU A 512 -35.46 14.50 -6.50
CA LEU A 512 -34.44 14.40 -7.53
C LEU A 512 -33.31 15.37 -7.17
N ASP A 513 -32.08 14.93 -7.35
CA ASP A 513 -30.90 15.74 -7.03
C ASP A 513 -30.03 15.87 -8.28
N ALA A 514 -30.35 16.85 -9.12
CA ALA A 514 -29.53 17.27 -10.26
C ALA A 514 -29.09 16.08 -11.11
N ALA A 515 -30.03 15.18 -11.38
CA ALA A 515 -29.72 13.93 -12.08
C ALA A 515 -29.59 14.09 -13.58
N THR A 516 -29.90 15.27 -14.13
CA THR A 516 -29.81 15.49 -15.58
C THR A 516 -28.91 16.65 -15.92
N SER A 517 -27.84 16.87 -15.15
CA SER A 517 -26.94 18.00 -15.43
C SER A 517 -26.05 17.72 -16.63
N SER A 518 -25.51 16.51 -16.73
CA SER A 518 -24.51 16.19 -17.75
C SER A 518 -25.01 15.19 -18.79
N LEU A 519 -26.32 15.14 -19.05
CA LEU A 519 -26.87 14.23 -20.04
C LEU A 519 -26.84 14.82 -21.45
N ASP A 520 -26.34 16.04 -21.62
CA ASP A 520 -26.05 16.63 -22.93
C ASP A 520 -27.32 16.84 -23.76
N SER A 521 -28.44 17.09 -23.08
CA SER A 521 -29.69 17.50 -23.71
C SER A 521 -30.21 16.50 -24.74
N GLN A 522 -29.67 15.28 -24.73
CA GLN A 522 -30.18 14.22 -25.59
C GLN A 522 -30.76 13.12 -24.73
N SER A 523 -30.01 12.69 -23.72
CA SER A 523 -30.56 11.82 -22.69
C SER A 523 -31.44 12.61 -21.73
N GLU A 524 -31.17 13.91 -21.58
CA GLU A 524 -32.03 14.77 -20.78
C GLU A 524 -33.47 14.73 -21.29
N LYS A 525 -33.66 14.96 -22.58
CA LYS A 525 -35.00 14.93 -23.15
C LYS A 525 -35.61 13.53 -23.04
N SER A 526 -34.79 12.50 -23.26
CA SER A 526 -35.30 11.13 -23.21
C SER A 526 -35.84 10.78 -21.82
N VAL A 527 -35.14 11.22 -20.77
CA VAL A 527 -35.59 10.90 -19.41
C VAL A 527 -36.71 11.84 -18.98
N GLN A 528 -36.70 13.08 -19.47
CA GLN A 528 -37.75 14.03 -19.10
C GLN A 528 -39.09 13.64 -19.72
N GLN A 529 -39.07 13.21 -20.99
CA GLN A 529 -40.30 12.84 -21.68
C GLN A 529 -40.95 11.60 -21.07
N ALA A 530 -40.25 10.90 -20.19
CA ALA A 530 -40.85 9.85 -19.38
C ALA A 530 -41.26 10.38 -18.01
N LEU A 531 -40.31 10.95 -17.27
CA LEU A 531 -40.59 11.39 -15.90
C LEU A 531 -41.69 12.43 -15.86
N GLU A 532 -41.45 13.60 -16.46
CA GLU A 532 -42.40 14.70 -16.34
C GLU A 532 -43.73 14.37 -17.00
N VAL A 533 -43.70 13.56 -18.07
CA VAL A 533 -44.95 13.18 -18.71
C VAL A 533 -45.77 12.26 -17.83
N LEU A 534 -45.13 11.32 -17.14
CA LEU A 534 -45.87 10.30 -16.40
C LEU A 534 -46.24 10.72 -14.98
N MET A 535 -45.47 11.58 -14.33
CA MET A 535 -45.70 11.88 -12.92
C MET A 535 -45.83 13.37 -12.59
N GLU A 536 -46.16 14.22 -13.56
CA GLU A 536 -46.26 15.64 -13.27
C GLU A 536 -47.38 15.98 -12.29
N GLY A 537 -48.30 15.03 -12.03
CA GLY A 537 -49.39 15.25 -11.10
C GLY A 537 -49.06 15.01 -9.63
N ARG A 538 -47.82 14.68 -9.30
CA ARG A 538 -47.43 14.40 -7.92
C ARG A 538 -46.39 15.40 -7.44
N THR A 539 -46.23 15.45 -6.12
CA THR A 539 -45.29 16.39 -5.52
C THR A 539 -43.85 16.01 -5.84
N THR A 540 -43.06 17.01 -6.22
CA THR A 540 -41.67 16.83 -6.58
C THR A 540 -40.80 17.81 -5.80
N ILE A 541 -39.66 17.33 -5.33
CA ILE A 541 -38.65 18.18 -4.70
C ILE A 541 -37.36 17.96 -5.46
N VAL A 542 -36.72 19.07 -5.88
CA VAL A 542 -35.58 19.00 -6.78
C VAL A 542 -34.45 19.85 -6.24
N ILE A 543 -33.24 19.30 -6.23
CA ILE A 543 -32.01 20.05 -6.04
C ILE A 543 -31.42 20.29 -7.43
N ALA A 544 -31.17 21.54 -7.77
CA ALA A 544 -30.85 21.92 -9.13
C ALA A 544 -29.47 22.57 -9.22
N HIS A 545 -28.85 22.43 -10.40
CA HIS A 545 -27.58 23.06 -10.69
C HIS A 545 -27.62 24.00 -11.89
N ARG A 546 -28.67 23.95 -12.71
CA ARG A 546 -28.79 24.76 -13.91
C ARG A 546 -30.17 25.40 -13.98
N LEU A 547 -30.23 26.53 -14.68
CA LEU A 547 -31.51 27.19 -14.91
C LEU A 547 -32.39 26.42 -15.88
N SER A 548 -31.81 25.50 -16.67
CA SER A 548 -32.60 24.75 -17.64
C SER A 548 -33.64 23.86 -16.97
N THR A 549 -33.36 23.38 -15.77
CA THR A 549 -34.29 22.49 -15.08
C THR A 549 -35.19 23.22 -14.08
N VAL A 550 -34.87 24.48 -13.76
CA VAL A 550 -35.70 25.21 -12.80
C VAL A 550 -36.86 25.94 -13.45
N VAL A 551 -36.80 26.16 -14.76
CA VAL A 551 -37.90 26.83 -15.45
C VAL A 551 -39.15 25.95 -15.41
N ASP A 552 -38.97 24.63 -15.49
CA ASP A 552 -40.09 23.71 -15.37
C ASP A 552 -40.66 23.66 -13.96
N ALA A 553 -39.98 24.24 -12.98
CA ALA A 553 -40.43 24.21 -11.59
C ALA A 553 -41.35 25.38 -11.31
N ASP A 554 -42.51 25.09 -10.70
CA ASP A 554 -43.46 26.14 -10.36
C ASP A 554 -42.95 27.01 -9.21
N GLN A 555 -42.15 26.45 -8.31
CA GLN A 555 -41.64 27.16 -7.16
C GLN A 555 -40.14 26.91 -7.02
N LEU A 556 -39.41 27.98 -6.71
CA LEU A 556 -37.96 27.92 -6.53
C LEU A 556 -37.60 28.47 -5.16
N LEU A 557 -36.61 27.84 -4.52
CA LEU A 557 -36.15 28.23 -3.19
C LEU A 557 -34.66 28.50 -3.28
N PHE A 558 -34.25 29.72 -2.93
CA PHE A 558 -32.86 30.14 -3.01
C PHE A 558 -32.24 30.12 -1.63
N VAL A 559 -31.12 29.42 -1.50
CA VAL A 559 -30.44 29.24 -0.22
C VAL A 559 -29.14 30.04 -0.25
N GLU A 560 -28.89 30.78 0.83
CA GLU A 560 -27.64 31.53 0.95
C GLU A 560 -27.40 31.85 2.43
N LYS A 561 -26.14 31.74 2.86
CA LYS A 561 -25.75 31.99 4.25
C LYS A 561 -26.53 31.11 5.22
N GLY A 562 -26.91 29.92 4.78
CA GLY A 562 -27.69 29.03 5.62
C GLY A 562 -29.12 29.49 5.87
N GLU A 563 -29.64 30.39 5.03
CA GLU A 563 -30.98 30.92 5.18
C GLU A 563 -31.66 30.96 3.82
N ILE A 564 -32.97 30.77 3.82
CA ILE A 564 -33.79 30.86 2.61
C ILE A 564 -34.05 32.33 2.34
N THR A 565 -33.80 32.77 1.10
CA THR A 565 -34.03 34.14 0.69
C THR A 565 -34.79 34.24 -0.63
N GLY A 566 -35.30 33.12 -1.13
CA GLY A 566 -36.02 33.14 -2.39
C GLY A 566 -37.25 32.26 -2.38
N ARG A 567 -38.41 32.85 -2.68
CA ARG A 567 -39.67 32.12 -2.75
C ARG A 567 -40.47 32.60 -3.95
N GLY A 568 -41.23 31.70 -4.54
CA GLY A 568 -42.13 32.02 -5.62
C GLY A 568 -41.69 31.39 -6.93
N THR A 569 -42.43 31.74 -7.99
CA THR A 569 -42.15 31.24 -9.33
C THR A 569 -40.81 31.79 -9.82
N HIS A 570 -40.20 31.05 -10.76
CA HIS A 570 -38.85 31.39 -11.22
C HIS A 570 -38.78 32.83 -11.71
N HIS A 571 -39.70 33.24 -12.58
CA HIS A 571 -39.63 34.58 -13.15
C HIS A 571 -39.96 35.65 -12.11
N GLU A 572 -41.00 35.41 -11.30
CA GLU A 572 -41.40 36.42 -10.33
C GLU A 572 -40.35 36.57 -9.23
N LEU A 573 -39.78 35.46 -8.75
CA LEU A 573 -38.69 35.55 -7.78
C LEU A 573 -37.44 36.17 -8.41
N MET A 574 -37.16 35.81 -9.66
CA MET A 574 -35.98 36.33 -10.33
C MET A 574 -36.05 37.85 -10.48
N ALA A 575 -37.24 38.37 -10.82
CA ALA A 575 -37.41 39.81 -10.92
C ALA A 575 -37.52 40.47 -9.55
N SER A 576 -38.01 39.74 -8.55
CA SER A 576 -38.24 40.33 -7.24
C SER A 576 -36.96 40.40 -6.41
N HIS A 577 -36.38 39.24 -6.11
CA HIS A 577 -35.17 39.19 -5.28
C HIS A 577 -34.05 38.34 -5.86
N GLY A 578 -34.32 37.42 -6.78
CA GLY A 578 -33.27 36.66 -7.40
C GLY A 578 -32.26 37.56 -8.08
N LEU A 579 -32.69 38.20 -9.17
CA LEU A 579 -31.93 39.28 -9.81
C LEU A 579 -30.47 38.92 -10.05
N TYR A 580 -29.60 39.93 -9.94
CA TYR A 580 -28.17 39.71 -10.16
C TYR A 580 -27.62 38.65 -9.21
N ARG A 581 -28.18 38.57 -8.00
CA ARG A 581 -27.70 37.61 -7.01
C ARG A 581 -27.75 36.17 -7.54
N ASP A 582 -28.65 35.90 -8.49
CA ASP A 582 -28.71 34.61 -9.12
C ASP A 582 -28.14 34.60 -10.54
N PHE A 583 -28.32 35.70 -11.29
CA PHE A 583 -27.75 35.76 -12.64
C PHE A 583 -26.24 35.58 -12.61
N ALA A 584 -25.55 36.28 -11.69
CA ALA A 584 -24.10 36.21 -11.65
C ALA A 584 -23.62 34.79 -11.37
N GLU A 585 -24.20 34.13 -10.37
CA GLU A 585 -23.78 32.78 -10.03
C GLU A 585 -24.09 31.79 -11.15
N GLN A 586 -25.29 31.88 -11.74
CA GLN A 586 -25.65 30.94 -12.78
C GLN A 586 -24.80 31.13 -14.03
N GLN A 587 -24.50 32.38 -14.39
CA GLN A 587 -23.65 32.62 -15.55
C GLN A 587 -22.21 32.22 -15.28
N LEU A 588 -21.72 32.43 -14.05
CA LEU A 588 -20.38 31.99 -13.70
C LEU A 588 -20.27 30.47 -13.78
N LYS A 589 -21.30 29.76 -13.33
CA LYS A 589 -21.34 28.32 -13.55
C LYS A 589 -21.37 27.98 -15.04
N MET A 590 -22.15 28.75 -15.81
CA MET A 590 -22.14 28.58 -17.26
C MET A 590 -20.78 28.91 -17.86
N ASN A 591 -20.13 29.97 -17.38
CA ASN A 591 -18.81 30.36 -17.87
C ASN A 591 -17.76 29.34 -17.43
N SER B 20 27.24 -19.74 -16.62
CA SER B 20 26.95 -18.95 -17.81
C SER B 20 26.24 -17.66 -17.45
N LYS B 21 25.10 -17.79 -16.76
CA LYS B 21 24.31 -16.62 -16.38
C LYS B 21 25.00 -15.78 -15.32
N LEU B 22 25.97 -16.35 -14.59
CA LEU B 22 26.69 -15.60 -13.58
C LEU B 22 27.81 -14.74 -14.16
N LYS B 23 28.15 -14.94 -15.44
CA LYS B 23 29.17 -14.12 -16.07
C LYS B 23 28.79 -12.65 -16.14
N PRO B 24 27.57 -12.26 -16.53
CA PRO B 24 27.21 -10.84 -16.45
C PRO B 24 27.30 -10.27 -15.04
N PHE B 25 26.92 -11.05 -14.03
CA PHE B 25 27.02 -10.58 -12.65
C PHE B 25 28.47 -10.37 -12.25
N PHE B 26 29.35 -11.29 -12.62
CA PHE B 26 30.77 -11.14 -12.30
C PHE B 26 31.35 -9.94 -13.02
N ALA B 27 30.97 -9.72 -14.28
CA ALA B 27 31.44 -8.53 -15.00
C ALA B 27 30.95 -7.26 -14.34
N LEU B 28 29.69 -7.25 -13.91
CA LEU B 28 29.14 -6.07 -13.26
C LEU B 28 29.86 -5.77 -11.95
N VAL B 29 30.18 -6.81 -11.17
CA VAL B 29 31.00 -6.60 -9.99
C VAL B 29 32.37 -6.07 -10.37
N ARG B 30 32.94 -6.61 -11.45
CA ARG B 30 34.23 -6.14 -11.95
C ARG B 30 34.21 -4.68 -12.34
N ARG B 31 33.04 -4.15 -12.72
CA ARG B 31 32.94 -2.73 -13.05
C ARG B 31 33.44 -1.85 -11.91
N THR B 32 33.21 -2.29 -10.66
CA THR B 32 33.81 -1.66 -9.49
C THR B 32 34.93 -2.56 -9.02
N ASN B 33 36.16 -2.25 -9.44
CA ASN B 33 37.27 -3.18 -9.22
C ASN B 33 37.74 -3.33 -7.77
N PRO B 34 37.56 -2.36 -6.83
CA PRO B 34 38.12 -2.59 -5.48
C PRO B 34 37.47 -3.76 -4.76
N SER B 35 37.57 -4.97 -5.31
CA SER B 35 36.78 -6.09 -4.80
C SER B 35 37.62 -7.25 -4.28
N TYR B 36 38.46 -7.87 -5.13
CA TYR B 36 38.95 -9.21 -4.83
C TYR B 36 39.87 -9.24 -3.61
N GLY B 37 40.70 -8.19 -3.46
CA GLY B 37 41.81 -8.25 -2.52
C GLY B 37 41.38 -8.57 -1.10
N LYS B 38 40.29 -7.97 -0.64
CA LYS B 38 39.78 -8.25 0.69
C LYS B 38 38.65 -9.27 0.70
N LEU B 39 37.91 -9.40 -0.40
CA LEU B 39 36.82 -10.37 -0.44
C LEU B 39 37.36 -11.80 -0.34
N ALA B 40 38.47 -12.10 -1.01
CA ALA B 40 39.03 -13.43 -0.92
C ALA B 40 39.46 -13.75 0.51
N PHE B 41 40.12 -12.79 1.17
CA PHE B 41 40.54 -12.99 2.55
C PHE B 41 39.33 -13.16 3.47
N ALA B 42 38.26 -12.40 3.24
CA ALA B 42 37.05 -12.54 4.05
C ALA B 42 36.44 -13.92 3.88
N LEU B 43 36.38 -14.42 2.64
CA LEU B 43 35.83 -15.76 2.41
C LEU B 43 36.68 -16.82 3.09
N ALA B 44 38.01 -16.68 3.01
CA ALA B 44 38.89 -17.64 3.67
C ALA B 44 38.70 -17.61 5.19
N LEU B 45 38.56 -16.42 5.76
CA LEU B 45 38.32 -16.30 7.20
C LEU B 45 36.99 -16.93 7.58
N SER B 46 35.96 -16.75 6.76
CA SER B 46 34.68 -17.40 7.03
C SER B 46 34.80 -18.92 7.01
N VAL B 47 35.57 -19.44 6.04
CA VAL B 47 35.79 -20.89 5.99
C VAL B 47 36.51 -21.37 7.25
N VAL B 48 37.52 -20.62 7.69
CA VAL B 48 38.23 -21.00 8.91
C VAL B 48 37.29 -20.97 10.11
N THR B 49 36.38 -19.99 10.14
CA THR B 49 35.38 -19.93 11.20
C THR B 49 34.49 -21.16 11.18
N THR B 50 34.06 -21.59 9.99
CA THR B 50 33.26 -22.80 9.90
C THR B 50 34.03 -24.01 10.42
N LEU B 51 35.31 -24.11 10.06
CA LEU B 51 36.12 -25.25 10.52
C LEU B 51 36.25 -25.25 12.05
N VAL B 52 36.51 -24.09 12.64
CA VAL B 52 36.69 -24.06 14.10
C VAL B 52 35.36 -24.32 14.81
N SER B 53 34.25 -23.83 14.25
CA SER B 53 32.96 -24.15 14.82
C SER B 53 32.69 -25.66 14.75
N LEU B 54 33.08 -26.29 13.65
CA LEU B 54 32.97 -27.74 13.53
C LEU B 54 33.87 -28.45 14.53
N LEU B 55 35.00 -27.83 14.88
CA LEU B 55 35.92 -28.40 15.86
C LEU B 55 35.39 -28.30 17.28
N ILE B 56 34.51 -27.32 17.55
CA ILE B 56 34.01 -27.12 18.92
C ILE B 56 33.48 -28.42 19.55
N PRO B 57 32.56 -29.15 18.92
CA PRO B 57 31.96 -30.30 19.64
C PRO B 57 32.94 -31.41 19.96
N LEU B 58 34.02 -31.55 19.19
CA LEU B 58 35.04 -32.53 19.54
C LEU B 58 35.69 -32.16 20.87
N LEU B 59 35.97 -30.87 21.07
CA LEU B 59 36.47 -30.42 22.36
C LEU B 59 35.44 -30.67 23.46
N THR B 60 34.17 -30.41 23.17
CA THR B 60 33.13 -30.66 24.17
C THR B 60 33.10 -32.13 24.57
N LYS B 61 33.56 -33.11 23.80
CA LYS B 61 33.55 -34.52 24.34
C LYS B 61 34.58 -34.83 25.48
N GLN B 62 35.82 -34.44 25.26
CA GLN B 62 36.89 -34.74 26.24
C GLN B 62 36.58 -34.03 27.57
N LEU B 63 36.02 -32.83 27.45
CA LEU B 63 35.71 -32.04 28.67
C LEU B 63 34.64 -32.77 29.47
N VAL B 64 33.81 -33.58 28.80
CA VAL B 64 32.74 -34.39 29.48
C VAL B 64 33.36 -35.66 30.11
N ASP B 65 34.27 -36.34 29.41
CA ASP B 65 34.98 -37.47 30.06
C ASP B 65 35.77 -36.82 31.20
N GLY B 66 36.30 -35.63 30.94
CA GLY B 66 36.97 -34.86 31.99
C GLY B 66 35.98 -34.45 33.07
N PHE B 67 34.78 -34.03 32.76
CA PHE B 67 33.89 -33.70 33.90
C PHE B 67 33.83 -34.97 34.75
N SER B 68 33.88 -36.15 34.14
CA SER B 68 34.00 -37.37 34.99
C SER B 68 35.35 -37.34 35.74
N MET B 69 36.45 -37.02 35.05
CA MET B 69 37.82 -37.01 35.64
C MET B 69 37.97 -35.96 36.75
N SER B 70 37.44 -34.74 36.56
CA SER B 70 37.47 -33.64 37.56
C SER B 70 38.55 -32.58 37.26
N ASN B 71 39.79 -32.81 37.67
CA ASN B 71 40.86 -31.78 37.52
C ASN B 71 41.15 -31.43 36.05
N LEU B 72 41.58 -32.39 35.24
CA LEU B 72 41.97 -32.15 33.83
C LEU B 72 40.73 -31.51 33.18
N SER B 73 39.53 -31.91 33.62
CA SER B 73 38.30 -31.28 33.12
C SER B 73 38.30 -29.80 33.45
N GLY B 74 38.56 -29.42 34.70
CA GLY B 74 38.58 -27.95 34.86
C GLY B 74 39.58 -27.27 33.91
N THR B 75 40.79 -27.85 33.81
CA THR B 75 41.82 -27.17 32.97
C THR B 75 41.39 -27.04 31.51
N GLN B 76 40.85 -28.11 30.93
CA GLN B 76 40.42 -28.10 29.50
C GLN B 76 39.16 -27.23 29.31
N ILE B 77 38.28 -27.18 30.31
CA ILE B 77 37.03 -26.36 30.25
C ILE B 77 37.59 -25.01 29.90
N GLY B 78 38.71 -24.69 30.52
CA GLY B 78 39.33 -23.44 29.99
C GLY B 78 39.36 -23.37 28.45
N LEU B 79 40.31 -23.98 27.72
CA LEU B 79 40.57 -24.09 26.30
C LEU B 79 39.30 -23.85 25.50
N ILE B 80 38.18 -24.45 25.93
CA ILE B 80 36.91 -24.22 25.25
C ILE B 80 36.61 -22.72 25.19
N ALA B 81 36.78 -22.02 26.31
CA ALA B 81 36.58 -20.58 26.30
C ALA B 81 37.38 -19.94 25.18
N LEU B 82 38.67 -20.28 25.10
CA LEU B 82 39.51 -19.73 24.03
C LEU B 82 38.92 -20.05 22.67
N VAL B 83 38.54 -21.32 22.45
CA VAL B 83 38.06 -21.71 21.15
C VAL B 83 36.66 -21.18 20.86
N PHE B 84 36.00 -20.59 21.86
CA PHE B 84 34.85 -19.74 21.54
C PHE B 84 35.31 -18.34 21.13
N PHE B 85 36.17 -17.73 21.92
CA PHE B 85 36.48 -16.32 21.70
C PHE B 85 37.25 -16.12 20.41
N VAL B 86 38.04 -17.11 20.00
CA VAL B 86 38.60 -17.09 18.65
C VAL B 86 37.49 -17.25 17.62
N GLN B 87 36.64 -18.27 17.81
CA GLN B 87 35.63 -18.62 16.82
C GLN B 87 34.74 -17.42 16.50
N ALA B 88 34.23 -16.76 17.52
CA ALA B 88 33.49 -15.53 17.30
C ALA B 88 34.43 -14.42 16.80
N GLY B 89 35.57 -14.24 17.48
CA GLY B 89 36.45 -13.13 17.23
C GLY B 89 36.85 -13.01 15.77
N LEU B 90 37.54 -14.04 15.27
CA LEU B 90 37.90 -14.08 13.85
C LEU B 90 36.67 -13.85 12.98
N SER B 91 35.57 -14.51 13.33
CA SER B 91 34.34 -14.37 12.54
C SER B 91 33.97 -12.90 12.39
N ALA B 92 34.06 -12.14 13.48
CA ALA B 92 33.83 -10.70 13.40
C ALA B 92 34.68 -10.08 12.31
N TYR B 93 36.01 -10.20 12.44
CA TYR B 93 36.89 -9.61 11.45
C TYR B 93 36.66 -10.21 10.08
N ALA B 94 36.05 -11.38 10.02
CA ALA B 94 35.59 -11.89 8.72
C ALA B 94 34.43 -11.07 8.20
N THR B 95 33.30 -11.09 8.93
CA THR B 95 32.08 -10.52 8.40
C THR B 95 32.24 -9.02 8.16
N TYR B 96 32.90 -8.32 9.08
CA TYR B 96 33.21 -6.91 8.88
C TYR B 96 33.94 -6.71 7.56
N ALA B 97 35.02 -7.47 7.35
CA ALA B 97 35.76 -7.35 6.10
C ALA B 97 34.88 -7.69 4.91
N LEU B 98 33.93 -8.61 5.10
CA LEU B 98 32.99 -8.92 4.04
C LEU B 98 31.90 -7.87 3.92
N ASN B 99 31.50 -7.25 5.03
CA ASN B 99 30.36 -6.34 5.00
C ASN B 99 30.77 -4.94 4.56
N TYR B 100 31.70 -4.32 5.29
CA TYR B 100 32.13 -2.97 4.95
C TYR B 100 32.61 -2.89 3.51
N ASN B 101 33.56 -3.78 3.14
CA ASN B 101 34.04 -3.78 1.77
C ASN B 101 32.91 -4.05 0.79
N GLY B 102 31.92 -4.86 1.20
CA GLY B 102 30.76 -5.07 0.36
C GLY B 102 30.06 -3.79 0.01
N GLN B 103 29.87 -2.91 1.00
CA GLN B 103 29.28 -1.61 0.73
C GLN B 103 30.08 -0.86 -0.32
N LYS B 104 31.41 -0.99 -0.27
CA LYS B 104 32.28 -0.32 -1.24
C LYS B 104 31.90 -0.68 -2.67
N ILE B 105 31.39 -1.89 -2.90
CA ILE B 105 30.84 -2.22 -4.21
C ILE B 105 29.57 -1.42 -4.45
N ILE B 106 28.57 -1.62 -3.58
CA ILE B 106 27.21 -1.13 -3.87
C ILE B 106 27.22 0.38 -4.06
N SER B 107 27.81 1.10 -3.12
CA SER B 107 28.02 2.53 -3.27
C SER B 107 28.58 2.85 -4.64
N GLY B 108 29.75 2.28 -4.95
CA GLY B 108 30.34 2.50 -6.26
C GLY B 108 29.39 2.13 -7.38
N LEU B 109 28.71 0.98 -7.23
CA LEU B 109 27.72 0.58 -8.22
C LEU B 109 26.69 1.68 -8.42
N ARG B 110 26.10 2.16 -7.31
CA ARG B 110 25.15 3.25 -7.41
C ARG B 110 25.79 4.44 -8.11
N GLU B 111 27.04 4.74 -7.74
CA GLU B 111 27.83 5.75 -8.42
C GLU B 111 27.68 5.61 -9.94
N LEU B 112 28.09 4.45 -10.46
CA LEU B 112 28.00 4.21 -11.89
C LEU B 112 26.60 4.47 -12.40
N LEU B 113 25.60 3.89 -11.72
CA LEU B 113 24.22 4.07 -12.15
C LEU B 113 23.87 5.55 -12.23
N TRP B 114 24.22 6.31 -11.19
CA TRP B 114 23.93 7.73 -11.22
C TRP B 114 24.68 8.40 -12.36
N LYS B 115 25.96 8.07 -12.51
CA LYS B 115 26.74 8.64 -13.60
C LYS B 115 26.14 8.30 -14.94
N LYS B 116 25.32 7.25 -15.01
CA LYS B 116 24.54 6.96 -16.20
C LYS B 116 23.19 7.66 -16.15
N LEU B 117 22.45 7.52 -15.04
CA LEU B 117 21.06 7.95 -15.01
C LEU B 117 20.90 9.45 -15.17
N ILE B 118 21.98 10.20 -15.32
CA ILE B 118 21.92 11.60 -15.67
C ILE B 118 22.53 11.85 -17.05
N LYS B 119 23.65 11.19 -17.35
CA LYS B 119 24.26 11.35 -18.67
C LYS B 119 23.49 10.59 -19.74
N LEU B 120 23.08 9.36 -19.43
CA LEU B 120 22.36 8.53 -20.40
C LEU B 120 21.04 9.14 -20.87
N PRO B 121 20.11 9.52 -19.99
CA PRO B 121 18.73 9.67 -20.43
C PRO B 121 18.49 10.89 -21.32
N VAL B 122 18.31 10.63 -22.61
CA VAL B 122 17.55 11.56 -23.44
C VAL B 122 16.12 11.60 -22.92
N SER B 123 15.44 12.73 -23.13
CA SER B 123 14.14 12.95 -22.49
C SER B 123 13.17 11.79 -22.72
N TYR B 124 13.09 11.30 -23.95
CA TYR B 124 12.11 10.24 -24.24
C TYR B 124 12.45 8.94 -23.53
N PHE B 125 13.73 8.72 -23.21
CA PHE B 125 14.08 7.56 -22.40
C PHE B 125 13.51 7.69 -20.99
N ASP B 126 13.58 8.90 -20.42
CA ASP B 126 13.01 9.12 -19.10
C ASP B 126 11.49 9.13 -19.12
N THR B 127 10.88 9.40 -20.28
CA THR B 127 9.42 9.42 -20.35
C THR B 127 8.79 8.05 -20.08
N ASN B 128 9.54 6.96 -20.26
CA ASN B 128 8.94 5.63 -20.09
C ASN B 128 8.51 5.38 -18.65
N ALA B 129 9.34 5.76 -17.69
CA ALA B 129 9.05 5.52 -16.27
C ALA B 129 9.97 6.32 -15.38
N SER B 130 9.46 6.76 -14.22
CA SER B 130 10.26 7.50 -13.24
C SER B 130 10.43 6.73 -11.94
N GLY B 131 9.33 6.31 -11.30
CA GLY B 131 9.44 5.56 -10.07
C GLY B 131 10.09 4.21 -10.26
N GLU B 132 9.88 3.59 -11.43
CA GLU B 132 10.53 2.31 -11.69
C GLU B 132 12.04 2.47 -11.65
N THR B 133 12.57 3.58 -12.16
CA THR B 133 14.02 3.76 -12.20
C THR B 133 14.60 3.95 -10.80
N VAL B 134 13.93 4.72 -9.95
CA VAL B 134 14.43 4.87 -8.58
C VAL B 134 14.34 3.56 -7.83
N SER B 135 13.29 2.76 -8.12
CA SER B 135 13.25 1.41 -7.58
C SER B 135 14.46 0.60 -8.04
N ARG B 136 14.76 0.65 -9.34
CA ARG B 136 15.90 -0.08 -9.89
C ARG B 136 17.21 0.33 -9.25
N VAL B 137 17.34 1.61 -8.87
CA VAL B 137 18.62 2.09 -8.35
C VAL B 137 18.70 2.03 -6.84
N THR B 138 17.61 1.75 -6.13
CA THR B 138 17.68 1.59 -4.69
C THR B 138 17.38 0.16 -4.24
N ASN B 139 16.20 -0.36 -4.54
CA ASN B 139 15.83 -1.69 -4.04
C ASN B 139 16.65 -2.78 -4.71
N ASP B 140 16.96 -2.59 -6.00
CA ASP B 140 17.68 -3.62 -6.72
C ASP B 140 19.14 -3.67 -6.27
N THR B 141 19.72 -2.50 -5.98
CA THR B 141 21.03 -2.45 -5.35
C THR B 141 21.01 -3.10 -3.98
N MET B 142 19.93 -2.89 -3.22
CA MET B 142 19.80 -3.56 -1.93
C MET B 142 19.80 -5.07 -2.09
N VAL B 143 19.10 -5.57 -3.11
CA VAL B 143 19.07 -7.01 -3.36
C VAL B 143 20.47 -7.52 -3.70
N VAL B 144 21.20 -6.78 -4.54
CA VAL B 144 22.56 -7.20 -4.89
C VAL B 144 23.45 -7.20 -3.64
N LYS B 145 23.28 -6.21 -2.77
CA LYS B 145 24.05 -6.17 -1.53
C LYS B 145 23.72 -7.37 -0.64
N GLU B 146 22.43 -7.72 -0.53
CA GLU B 146 22.05 -8.87 0.27
C GLU B 146 22.62 -10.15 -0.33
N LEU B 147 22.76 -10.22 -1.65
CA LEU B 147 23.41 -11.36 -2.27
C LEU B 147 24.89 -11.42 -1.90
N ILE B 148 25.58 -10.29 -1.99
CA ILE B 148 27.04 -10.29 -1.87
C ILE B 148 27.48 -10.44 -0.42
N THR B 149 26.96 -9.59 0.46
CA THR B 149 27.53 -9.50 1.80
C THR B 149 27.18 -10.70 2.66
N THR B 150 26.00 -11.30 2.45
CA THR B 150 25.54 -12.38 3.32
C THR B 150 25.25 -13.67 2.57
N HIS B 151 24.52 -13.61 1.46
CA HIS B 151 23.93 -14.82 0.90
C HIS B 151 24.98 -15.76 0.33
N ILE B 152 25.99 -15.23 -0.37
CA ILE B 152 27.01 -16.11 -0.92
C ILE B 152 27.88 -16.69 0.18
N SER B 153 28.21 -15.87 1.19
CA SER B 153 28.91 -16.38 2.36
C SER B 153 28.05 -17.39 3.10
N GLY B 154 26.75 -17.13 3.18
CA GLY B 154 25.86 -18.10 3.80
C GLY B 154 25.85 -19.42 3.06
N PHE B 155 25.85 -19.39 1.73
CA PHE B 155 25.90 -20.60 0.93
C PHE B 155 27.17 -21.39 1.20
N ILE B 156 28.32 -20.70 1.15
CA ILE B 156 29.60 -21.38 1.37
C ILE B 156 29.64 -21.96 2.78
N THR B 157 29.23 -21.17 3.77
CA THR B 157 29.23 -21.63 5.16
C THR B 157 28.33 -22.84 5.34
N GLY B 158 27.12 -22.79 4.78
CA GLY B 158 26.21 -23.91 4.92
C GLY B 158 26.74 -25.17 4.29
N ILE B 159 27.30 -25.05 3.08
CA ILE B 159 27.83 -26.23 2.41
C ILE B 159 28.96 -26.84 3.23
N ILE B 160 29.92 -26.00 3.66
CA ILE B 160 31.05 -26.52 4.41
C ILE B 160 30.59 -27.15 5.72
N SER B 161 29.68 -26.47 6.43
CA SER B 161 29.22 -26.98 7.72
C SER B 161 28.47 -28.29 7.58
N VAL B 162 27.59 -28.41 6.58
CA VAL B 162 26.83 -29.64 6.41
C VAL B 162 27.76 -30.79 6.04
N ILE B 163 28.67 -30.55 5.08
CA ILE B 163 29.58 -31.62 4.67
C ILE B 163 30.45 -32.06 5.83
N GLY B 164 30.97 -31.09 6.60
CA GLY B 164 31.81 -31.45 7.74
C GLY B 164 31.05 -32.19 8.82
N SER B 165 29.80 -31.79 9.07
CA SER B 165 29.00 -32.49 10.06
C SER B 165 28.72 -33.93 9.64
N LEU B 166 28.37 -34.14 8.38
CA LEU B 166 28.18 -35.51 7.90
C LEU B 166 29.46 -36.32 8.01
N THR B 167 30.60 -35.75 7.63
CA THR B 167 31.85 -36.50 7.71
C THR B 167 32.21 -36.83 9.15
N ILE B 168 32.00 -35.87 10.06
CA ILE B 168 32.29 -36.11 11.48
C ILE B 168 31.40 -37.21 12.03
N LEU B 169 30.11 -37.18 11.70
CA LEU B 169 29.22 -38.22 12.19
C LEU B 169 29.55 -39.58 11.58
N PHE B 170 30.00 -39.60 10.32
CA PHE B 170 30.43 -40.85 9.71
C PHE B 170 31.63 -41.44 10.43
N ILE B 171 32.68 -40.63 10.61
CA ILE B 171 33.88 -41.13 11.28
C ILE B 171 33.67 -41.29 12.79
N MET B 172 32.53 -40.84 13.29
CA MET B 172 32.23 -40.83 14.72
C MET B 172 31.23 -41.88 15.13
N ASN B 173 30.22 -42.14 14.29
CA ASN B 173 29.23 -43.18 14.54
C ASN B 173 29.09 -43.99 13.26
N TRP B 174 29.51 -45.25 13.32
CA TRP B 174 29.60 -46.07 12.11
C TRP B 174 28.22 -46.50 11.63
N LYS B 175 27.62 -45.71 10.74
CA LYS B 175 26.41 -46.04 9.99
C LYS B 175 25.19 -46.26 10.86
N LEU B 176 25.26 -46.03 12.18
CA LEU B 176 24.14 -46.34 13.05
C LEU B 176 23.32 -45.10 13.41
N THR B 177 23.94 -44.10 14.04
CA THR B 177 23.20 -42.91 14.40
C THR B 177 22.98 -42.00 13.19
N LEU B 178 23.97 -41.92 12.31
CA LEU B 178 23.83 -41.10 11.12
C LEU B 178 22.71 -41.62 10.21
N LEU B 179 22.59 -42.94 10.09
CA LEU B 179 21.54 -43.50 9.23
C LEU B 179 20.16 -43.18 9.78
N VAL B 180 19.93 -43.43 11.07
CA VAL B 180 18.62 -43.15 11.66
C VAL B 180 18.37 -41.65 11.66
N LEU B 181 19.42 -40.84 11.64
CA LEU B 181 19.24 -39.40 11.50
C LEU B 181 18.77 -39.04 10.11
N VAL B 182 19.50 -39.46 9.08
CA VAL B 182 19.20 -39.06 7.71
C VAL B 182 17.88 -39.67 7.25
N VAL B 183 17.43 -40.76 7.89
CA VAL B 183 16.11 -41.29 7.58
C VAL B 183 15.03 -40.29 7.99
N VAL B 184 15.27 -39.51 9.05
CA VAL B 184 14.25 -38.59 9.54
C VAL B 184 13.80 -37.57 8.50
N PRO B 185 14.70 -36.89 7.77
CA PRO B 185 14.22 -36.02 6.69
C PRO B 185 13.43 -36.76 5.62
N LEU B 186 13.77 -38.02 5.34
CA LEU B 186 13.04 -38.78 4.33
C LEU B 186 11.57 -38.95 4.73
N ALA B 187 11.31 -39.24 6.00
CA ALA B 187 9.94 -39.37 6.47
C ALA B 187 9.28 -38.00 6.64
N ALA B 188 10.04 -37.00 7.07
CA ALA B 188 9.51 -35.67 7.28
C ALA B 188 9.22 -34.95 5.97
N LEU B 189 9.69 -35.48 4.84
CA LEU B 189 9.37 -34.90 3.55
C LEU B 189 7.86 -34.83 3.34
N ILE B 190 7.10 -35.76 3.93
CA ILE B 190 5.65 -35.75 3.81
C ILE B 190 5.03 -34.53 4.47
N LEU B 191 5.78 -33.85 5.34
CA LEU B 191 5.26 -32.65 5.99
C LEU B 191 5.03 -31.52 4.99
N VAL B 192 5.92 -31.39 4.00
CA VAL B 192 5.81 -30.27 3.06
C VAL B 192 4.50 -30.28 2.30
N PRO B 193 3.98 -31.41 1.79
CA PRO B 193 2.64 -31.37 1.18
C PRO B 193 1.56 -30.88 2.14
N ILE B 194 1.66 -31.25 3.43
CA ILE B 194 0.70 -30.76 4.40
C ILE B 194 0.81 -29.25 4.55
N GLY B 195 2.04 -28.73 4.57
CA GLY B 195 2.22 -27.29 4.62
C GLY B 195 1.64 -26.59 3.39
N ARG B 196 1.83 -27.18 2.21
CA ARG B 196 1.25 -26.61 1.01
C ARG B 196 -0.28 -26.61 1.07
N LYS B 197 -0.87 -27.70 1.55
CA LYS B 197 -2.32 -27.78 1.69
C LYS B 197 -2.83 -26.71 2.65
N MET B 198 -2.15 -26.55 3.79
CA MET B 198 -2.54 -25.53 4.76
C MET B 198 -2.43 -24.13 4.16
N PHE B 199 -1.34 -23.87 3.42
CA PHE B 199 -1.16 -22.57 2.81
C PHE B 199 -2.25 -22.28 1.78
N SER B 200 -2.60 -23.28 0.96
CA SER B 200 -3.64 -23.08 -0.03
C SER B 200 -4.99 -22.81 0.63
N ILE B 201 -5.32 -23.57 1.68
CA ILE B 201 -6.58 -23.36 2.37
C ILE B 201 -6.63 -21.97 2.98
N SER B 202 -5.54 -21.56 3.63
CA SER B 202 -5.49 -20.22 4.21
C SER B 202 -5.64 -19.15 3.15
N ARG B 203 -4.96 -19.31 2.01
CA ARG B 203 -5.02 -18.32 0.95
C ARG B 203 -6.43 -18.18 0.40
N GLU B 204 -7.12 -19.31 0.20
CA GLU B 204 -8.52 -19.21 -0.22
C GLU B 204 -9.37 -18.59 0.88
N THR B 205 -8.97 -18.74 2.14
CA THR B 205 -9.69 -18.09 3.24
C THR B 205 -9.58 -16.56 3.13
N GLN B 206 -8.37 -16.04 2.97
CA GLN B 206 -8.29 -14.58 2.78
C GLN B 206 -8.90 -14.14 1.47
N ASP B 207 -8.94 -15.00 0.45
CA ASP B 207 -9.63 -14.63 -0.79
C ASP B 207 -11.12 -14.44 -0.55
N GLU B 208 -11.74 -15.37 0.18
CA GLU B 208 -13.15 -15.21 0.51
C GLU B 208 -13.38 -14.02 1.44
N THR B 209 -12.44 -13.77 2.36
CA THR B 209 -12.55 -12.60 3.21
C THR B 209 -12.49 -11.31 2.40
N ALA B 210 -11.60 -11.26 1.41
CA ALA B 210 -11.53 -10.10 0.52
C ALA B 210 -12.81 -9.94 -0.29
N ARG B 211 -13.40 -11.05 -0.72
CA ARG B 211 -14.68 -10.98 -1.42
C ARG B 211 -15.77 -10.40 -0.52
N PHE B 212 -15.80 -10.83 0.74
CA PHE B 212 -16.77 -10.30 1.70
C PHE B 212 -16.55 -8.81 1.93
N THR B 213 -15.28 -8.41 2.09
CA THR B 213 -14.97 -6.99 2.27
C THR B 213 -15.38 -6.18 1.06
N GLY B 214 -15.20 -6.73 -0.14
CA GLY B 214 -15.65 -6.06 -1.34
C GLY B 214 -17.17 -5.92 -1.40
N LEU B 215 -17.88 -6.95 -0.95
CA LEU B 215 -19.34 -6.87 -0.89
C LEU B 215 -19.79 -5.74 0.03
N LEU B 216 -19.20 -5.65 1.21
CA LEU B 216 -19.59 -4.58 2.13
C LEU B 216 -19.13 -3.21 1.64
N ASN B 217 -17.98 -3.14 0.95
CA ASN B 217 -17.58 -1.87 0.36
C ASN B 217 -18.48 -1.46 -0.79
N GLN B 218 -19.13 -2.43 -1.42
CA GLN B 218 -20.18 -2.12 -2.39
C GLN B 218 -21.43 -1.60 -1.71
N ILE B 219 -21.82 -2.23 -0.60
CA ILE B 219 -23.13 -1.97 -0.02
C ILE B 219 -23.14 -0.73 0.86
N LEU B 220 -22.21 -0.65 1.81
CA LEU B 220 -22.28 0.37 2.85
C LEU B 220 -22.31 1.79 2.32
N PRO B 221 -21.49 2.19 1.34
CA PRO B 221 -21.62 3.54 0.78
C PRO B 221 -22.98 3.80 0.14
N GLU B 222 -23.73 2.76 -0.21
CA GLU B 222 -25.05 2.91 -0.83
C GLU B 222 -26.16 2.95 0.20
N ILE B 223 -25.82 3.22 1.46
CA ILE B 223 -26.79 3.15 2.55
C ILE B 223 -27.90 4.17 2.36
N ARG B 224 -27.62 5.28 1.69
CA ARG B 224 -28.66 6.26 1.42
C ARG B 224 -29.79 5.64 0.61
N LEU B 225 -29.45 5.00 -0.51
CA LEU B 225 -30.46 4.31 -1.31
C LEU B 225 -31.07 3.14 -0.54
N VAL B 226 -30.25 2.40 0.22
CA VAL B 226 -30.75 1.25 0.95
C VAL B 226 -31.84 1.66 1.92
N LYS B 227 -31.57 2.71 2.71
CA LYS B 227 -32.57 3.23 3.64
C LYS B 227 -33.76 3.82 2.90
N ALA B 228 -33.52 4.48 1.77
CA ALA B 228 -34.58 5.19 1.07
C ALA B 228 -35.72 4.26 0.69
N SER B 229 -35.40 3.06 0.21
CA SER B 229 -36.40 2.08 -0.20
C SER B 229 -36.69 1.06 0.90
N ASN B 230 -36.34 1.37 2.16
CA ASN B 230 -36.59 0.57 3.36
C ASN B 230 -36.44 -0.93 3.09
N ALA B 231 -35.46 -1.27 2.25
CA ALA B 231 -35.19 -2.65 1.88
C ALA B 231 -34.11 -3.29 2.73
N GLU B 232 -33.78 -2.70 3.87
CA GLU B 232 -32.78 -3.31 4.75
C GLU B 232 -33.12 -4.76 5.05
N ASP B 233 -34.43 -5.05 5.20
CA ASP B 233 -34.88 -6.41 5.50
C ASP B 233 -34.36 -7.42 4.48
N VAL B 234 -34.26 -7.03 3.21
CA VAL B 234 -33.67 -7.94 2.24
C VAL B 234 -32.16 -7.72 2.13
N GLU B 235 -31.69 -6.48 2.31
CA GLU B 235 -30.26 -6.23 2.23
C GLU B 235 -29.52 -6.96 3.34
N TYR B 236 -30.07 -6.92 4.55
CA TYR B 236 -29.53 -7.73 5.64
C TYR B 236 -29.40 -9.19 5.24
N GLY B 237 -30.39 -9.69 4.49
CA GLY B 237 -30.31 -11.07 4.02
C GLY B 237 -29.05 -11.33 3.22
N ARG B 238 -28.67 -10.39 2.37
CA ARG B 238 -27.43 -10.54 1.61
C ARG B 238 -26.24 -10.70 2.55
N GLY B 239 -26.21 -9.89 3.61
CA GLY B 239 -25.17 -10.06 4.60
C GLY B 239 -25.19 -11.44 5.22
N LYS B 240 -26.40 -11.96 5.50
CA LYS B 240 -26.51 -13.31 6.03
C LYS B 240 -25.99 -14.34 5.02
N MET B 241 -26.12 -14.05 3.73
CA MET B 241 -25.53 -14.92 2.73
C MET B 241 -24.00 -14.86 2.78
N GLY B 242 -23.45 -13.71 3.12
CA GLY B 242 -22.02 -13.54 3.17
C GLY B 242 -21.35 -14.29 4.30
N ILE B 243 -21.61 -13.86 5.54
CA ILE B 243 -20.89 -14.39 6.68
C ILE B 243 -21.05 -15.90 6.77
N SER B 244 -22.27 -16.39 6.54
CA SER B 244 -22.53 -17.83 6.58
C SER B 244 -21.59 -18.57 5.65
N SER B 245 -21.43 -18.06 4.42
CA SER B 245 -20.46 -18.65 3.51
C SER B 245 -19.09 -18.73 4.15
N LEU B 246 -18.61 -17.59 4.67
CA LEU B 246 -17.36 -17.59 5.41
C LEU B 246 -17.39 -18.66 6.50
N PHE B 247 -18.46 -18.68 7.29
CA PHE B 247 -18.61 -19.69 8.33
C PHE B 247 -18.41 -21.08 7.75
N LYS B 248 -19.12 -21.38 6.66
CA LYS B 248 -18.96 -22.68 6.01
C LYS B 248 -17.49 -22.90 5.67
N LEU B 249 -16.89 -21.94 4.96
CA LEU B 249 -15.49 -22.06 4.62
C LEU B 249 -14.66 -22.22 5.88
N GLY B 250 -14.95 -21.41 6.90
CA GLY B 250 -14.21 -21.53 8.14
C GLY B 250 -14.26 -22.94 8.69
N VAL B 251 -15.47 -23.52 8.71
CA VAL B 251 -15.62 -24.89 9.21
C VAL B 251 -14.65 -25.80 8.47
N ARG B 252 -14.63 -25.69 7.14
CA ARG B 252 -13.75 -26.53 6.35
C ARG B 252 -12.31 -26.39 6.80
N GLU B 253 -11.80 -25.15 6.87
CA GLU B 253 -10.40 -25.00 7.22
C GLU B 253 -10.15 -25.52 8.62
N ALA B 254 -11.10 -25.31 9.53
CA ALA B 254 -10.97 -25.84 10.88
C ALA B 254 -10.74 -27.35 10.82
N LYS B 255 -11.57 -28.05 10.05
CA LYS B 255 -11.37 -29.48 9.87
C LYS B 255 -9.96 -29.76 9.36
N VAL B 256 -9.56 -29.04 8.31
CA VAL B 256 -8.21 -29.20 7.78
C VAL B 256 -7.19 -28.90 8.87
N GLN B 257 -7.41 -27.82 9.62
CA GLN B 257 -6.49 -27.47 10.69
C GLN B 257 -6.42 -28.59 11.71
N SER B 258 -7.56 -29.23 11.99
CA SER B 258 -7.57 -30.33 12.96
C SER B 258 -6.68 -31.48 12.52
N LEU B 259 -6.49 -31.64 11.21
CA LEU B 259 -5.61 -32.69 10.70
C LEU B 259 -4.22 -32.17 10.35
N VAL B 260 -3.91 -30.91 10.63
CA VAL B 260 -2.58 -30.39 10.37
C VAL B 260 -1.82 -30.10 11.66
N GLY B 261 -2.49 -29.50 12.64
CA GLY B 261 -1.87 -29.12 13.88
C GLY B 261 -1.16 -30.26 14.59
N PRO B 262 -1.94 -31.25 15.06
CA PRO B 262 -1.31 -32.39 15.75
C PRO B 262 -0.29 -33.14 14.91
N LEU B 263 -0.56 -33.30 13.61
CA LEU B 263 0.32 -34.12 12.77
C LEU B 263 1.75 -33.59 12.80
N ILE B 264 1.93 -32.28 12.60
CA ILE B 264 3.25 -31.68 12.80
C ILE B 264 3.80 -32.07 14.16
N SER B 265 3.05 -31.74 15.21
CA SER B 265 3.48 -32.04 16.58
C SER B 265 3.68 -33.53 16.79
N LEU B 266 3.11 -34.36 15.92
CA LEU B 266 3.43 -35.78 15.94
C LEU B 266 4.74 -36.05 15.19
N VAL B 267 4.79 -35.68 13.90
CA VAL B 267 5.84 -36.18 13.02
C VAL B 267 7.20 -35.68 13.47
N LEU B 268 7.27 -34.43 13.92
CA LEU B 268 8.51 -33.92 14.48
C LEU B 268 8.89 -34.65 15.76
N MET B 269 7.92 -34.82 16.65
CA MET B 269 8.23 -35.30 18.00
C MET B 269 8.72 -36.74 17.96
N ALA B 270 7.99 -37.61 17.25
CA ALA B 270 8.49 -38.96 17.02
C ALA B 270 9.90 -38.91 16.48
N ALA B 271 10.14 -38.01 15.52
CA ALA B 271 11.48 -37.85 14.96
C ALA B 271 12.52 -37.70 16.06
N LEU B 272 12.24 -36.84 17.03
CA LEU B 272 13.18 -36.67 18.15
C LEU B 272 13.42 -37.98 18.85
N VAL B 273 12.36 -38.66 19.28
CA VAL B 273 12.56 -39.93 19.98
C VAL B 273 12.96 -41.02 19.00
N ALA B 274 12.85 -40.75 17.69
CA ALA B 274 13.39 -41.69 16.71
C ALA B 274 14.91 -41.62 16.68
N VAL B 275 15.48 -40.46 17.01
CA VAL B 275 16.93 -40.31 16.93
C VAL B 275 17.54 -40.15 18.31
N ILE B 276 17.06 -39.17 19.08
CA ILE B 276 17.72 -38.84 20.34
C ILE B 276 17.56 -39.97 21.33
N GLY B 277 16.33 -40.48 21.45
CA GLY B 277 16.12 -41.68 22.24
C GLY B 277 16.92 -42.86 21.72
N TYR B 278 17.11 -42.92 20.40
CA TYR B 278 18.01 -43.92 19.83
C TYR B 278 19.41 -43.77 20.41
N GLY B 279 19.91 -42.53 20.48
CA GLY B 279 21.22 -42.32 21.07
C GLY B 279 21.29 -42.86 22.48
N GLY B 280 20.14 -42.99 23.14
CA GLY B 280 20.11 -43.55 24.47
C GLY B 280 20.75 -44.92 24.55
N MET B 281 20.48 -45.78 23.57
CA MET B 281 21.11 -47.10 23.61
C MET B 281 22.62 -46.95 23.56
N GLN B 282 23.10 -46.03 22.71
CA GLN B 282 24.53 -45.80 22.61
C GLN B 282 25.15 -45.42 23.95
N VAL B 283 24.37 -44.84 24.86
CA VAL B 283 24.91 -44.47 26.17
C VAL B 283 24.46 -45.42 27.27
N SER B 284 23.55 -46.35 26.99
CA SER B 284 23.15 -47.30 28.03
C SER B 284 24.06 -48.53 27.99
N SER B 285 24.11 -49.22 26.86
CA SER B 285 24.94 -50.40 26.73
C SER B 285 25.63 -50.51 25.37
N GLY B 286 25.43 -49.56 24.46
CA GLY B 286 26.01 -49.66 23.14
C GLY B 286 27.52 -49.60 23.11
N GLU B 287 28.08 -48.43 23.42
CA GLU B 287 29.52 -48.21 23.41
C GLU B 287 29.81 -46.90 24.12
N LEU B 288 31.07 -46.46 24.06
CA LEU B 288 31.52 -45.26 24.77
C LEU B 288 31.00 -44.00 24.08
N THR B 289 29.70 -43.75 24.28
CA THR B 289 29.01 -42.63 23.66
C THR B 289 28.63 -41.55 24.67
N ALA B 290 29.17 -41.61 25.89
CA ALA B 290 28.77 -40.68 26.94
C ALA B 290 28.98 -39.23 26.51
N GLY B 291 30.14 -38.92 25.96
CA GLY B 291 30.39 -37.59 25.44
C GLY B 291 30.05 -37.49 23.97
N ALA B 292 30.05 -38.64 23.30
CA ALA B 292 29.68 -38.65 21.89
C ALA B 292 28.22 -38.24 21.72
N LEU B 293 27.37 -38.53 22.71
CA LEU B 293 25.97 -38.15 22.61
C LEU B 293 25.80 -36.64 22.65
N VAL B 294 26.49 -35.96 23.57
CA VAL B 294 26.39 -34.51 23.63
C VAL B 294 27.04 -33.88 22.42
N ALA B 295 28.14 -34.45 21.93
CA ALA B 295 28.74 -33.94 20.70
C ALA B 295 27.75 -34.07 19.53
N PHE B 296 27.05 -35.19 19.45
CA PHE B 296 26.08 -35.40 18.38
C PHE B 296 24.90 -34.43 18.50
N ILE B 297 24.39 -34.22 19.71
CA ILE B 297 23.26 -33.31 19.87
C ILE B 297 23.68 -31.88 19.55
N LEU B 298 24.94 -31.52 19.79
CA LEU B 298 25.37 -30.17 19.44
C LEU B 298 25.56 -30.05 17.94
N TYR B 299 26.15 -31.06 17.30
CA TYR B 299 26.19 -31.08 15.83
C TYR B 299 24.80 -31.02 15.22
N LEU B 300 23.79 -31.54 15.92
CA LEU B 300 22.44 -31.50 15.38
C LEU B 300 21.99 -30.07 15.15
N PHE B 301 22.19 -29.19 16.13
CA PHE B 301 21.87 -27.79 15.92
C PHE B 301 22.83 -27.16 14.93
N GLN B 302 24.10 -27.55 14.97
CA GLN B 302 25.08 -27.02 14.03
C GLN B 302 24.70 -27.31 12.58
N ILE B 303 23.93 -28.37 12.35
CA ILE B 303 23.52 -28.71 10.99
C ILE B 303 22.12 -28.20 10.68
N ILE B 304 21.24 -28.10 11.68
CA ILE B 304 19.91 -27.55 11.43
C ILE B 304 19.99 -26.07 11.11
N MET B 305 20.94 -25.35 11.70
CA MET B 305 21.05 -23.92 11.41
C MET B 305 21.26 -23.61 9.93
N PRO B 306 22.26 -24.18 9.23
CA PRO B 306 22.55 -23.71 7.87
C PRO B 306 21.51 -24.15 6.83
N MET B 307 20.58 -25.03 7.18
CA MET B 307 19.58 -25.45 6.19
C MET B 307 18.72 -24.27 5.74
N GLY B 308 18.22 -23.49 6.70
CA GLY B 308 17.44 -22.31 6.34
C GLY B 308 18.23 -21.28 5.56
N GLN B 309 19.52 -21.13 5.86
CA GLN B 309 20.36 -20.22 5.12
C GLN B 309 20.59 -20.67 3.68
N ILE B 310 20.82 -21.98 3.48
CA ILE B 310 21.04 -22.49 2.13
C ILE B 310 19.77 -22.39 1.31
N THR B 311 18.61 -22.64 1.93
CA THR B 311 17.35 -22.50 1.22
C THR B 311 17.10 -21.04 0.83
N THR B 312 17.38 -20.10 1.74
CA THR B 312 17.20 -18.69 1.42
C THR B 312 18.13 -18.28 0.29
N PHE B 313 19.38 -18.75 0.30
CA PHE B 313 20.29 -18.40 -0.79
C PHE B 313 19.80 -18.96 -2.12
N PHE B 314 19.32 -20.21 -2.12
CA PHE B 314 18.82 -20.79 -3.37
C PHE B 314 17.61 -20.03 -3.88
N THR B 315 16.72 -19.61 -2.99
CA THR B 315 15.57 -18.82 -3.42
C THR B 315 16.00 -17.44 -3.94
N GLN B 316 16.96 -16.80 -3.27
CA GLN B 316 17.37 -15.45 -3.61
C GLN B 316 18.27 -15.39 -4.84
N LEU B 317 18.83 -16.52 -5.28
CA LEU B 317 19.70 -16.49 -6.45
C LEU B 317 18.97 -16.00 -7.70
N GLN B 318 17.72 -16.45 -7.89
CA GLN B 318 16.95 -16.02 -9.05
C GLN B 318 16.67 -14.52 -9.00
N LYS B 319 16.28 -14.01 -7.83
CA LYS B 319 16.04 -12.58 -7.70
C LYS B 319 17.32 -11.79 -7.95
N SER B 320 18.45 -12.31 -7.48
CA SER B 320 19.72 -11.62 -7.69
C SER B 320 20.12 -11.59 -9.17
N ILE B 321 19.91 -12.70 -9.88
CA ILE B 321 20.26 -12.71 -11.30
C ILE B 321 19.33 -11.80 -12.09
N GLY B 322 18.05 -11.75 -11.71
CA GLY B 322 17.16 -10.76 -12.31
C GLY B 322 17.62 -9.35 -12.01
N ALA B 323 18.10 -9.12 -10.79
CA ALA B 323 18.64 -7.82 -10.43
C ALA B 323 19.79 -7.43 -11.33
N THR B 324 20.73 -8.35 -11.55
CA THR B 324 21.85 -8.08 -12.45
C THR B 324 21.36 -7.81 -13.86
N GLU B 325 20.33 -8.53 -14.31
CA GLU B 325 19.79 -8.29 -15.64
C GLU B 325 19.24 -6.88 -15.77
N ARG B 326 18.47 -6.43 -14.78
CA ARG B 326 17.96 -5.06 -14.81
C ARG B 326 19.09 -4.04 -14.77
N MET B 327 20.11 -4.29 -13.93
CA MET B 327 21.25 -3.37 -13.88
C MET B 327 21.91 -3.23 -15.24
N ILE B 328 22.23 -4.37 -15.87
CA ILE B 328 22.96 -4.32 -17.14
C ILE B 328 22.07 -3.74 -18.24
N GLU B 329 20.76 -3.94 -18.14
CA GLU B 329 19.85 -3.30 -19.09
C GLU B 329 19.88 -1.79 -18.94
N ILE B 330 19.86 -1.30 -17.69
CA ILE B 330 19.89 0.14 -17.47
C ILE B 330 21.22 0.74 -17.94
N LEU B 331 22.33 0.06 -17.64
CA LEU B 331 23.65 0.59 -17.97
C LEU B 331 23.90 0.66 -19.47
N ALA B 332 23.10 -0.03 -20.28
CA ALA B 332 23.34 -0.09 -21.71
C ALA B 332 23.08 1.26 -22.38
N GLU B 333 23.93 1.60 -23.34
CA GLU B 333 23.81 2.78 -24.20
C GLU B 333 24.07 4.06 -23.40
N GLU B 334 24.37 5.16 -24.09
CA GLU B 334 24.69 6.41 -23.42
C GLU B 334 24.49 7.55 -24.39
N GLU B 335 24.03 8.69 -23.88
CA GLU B 335 23.81 9.87 -24.72
C GLU B 335 25.16 10.51 -25.06
N GLU B 336 25.52 10.47 -26.34
CA GLU B 336 26.87 10.83 -26.78
C GLU B 336 26.97 12.24 -27.31
N ASP B 337 25.94 13.06 -27.14
CA ASP B 337 25.99 14.42 -27.66
C ASP B 337 26.94 15.30 -26.86
N THR B 338 27.40 14.81 -25.70
CA THR B 338 28.23 15.63 -24.82
C THR B 338 29.53 16.05 -25.51
N VAL B 339 30.19 15.12 -26.19
CA VAL B 339 31.46 15.44 -26.81
C VAL B 339 31.26 15.95 -28.24
N THR B 340 30.27 15.41 -28.94
CA THR B 340 30.05 15.77 -30.33
C THR B 340 29.59 17.21 -30.47
N GLY B 341 29.92 17.82 -31.60
CA GLY B 341 29.53 19.18 -31.90
C GLY B 341 30.58 20.20 -31.48
N LYS B 342 30.56 21.34 -32.18
CA LYS B 342 31.54 22.39 -31.94
C LYS B 342 31.07 23.67 -32.60
N GLN B 343 31.77 24.77 -32.31
CA GLN B 343 31.60 26.04 -33.00
C GLN B 343 30.18 26.61 -32.86
N ILE B 344 29.79 26.91 -31.62
CA ILE B 344 28.59 27.69 -31.38
C ILE B 344 28.99 29.06 -30.84
N GLU B 345 28.77 30.11 -31.64
CA GLU B 345 29.24 31.44 -31.28
C GLU B 345 28.12 32.47 -31.18
N ASN B 346 27.22 32.50 -32.17
CA ASN B 346 26.28 33.61 -32.27
C ASN B 346 24.91 33.23 -31.70
N ALA B 347 24.36 32.10 -32.14
CA ALA B 347 22.99 31.69 -31.80
C ALA B 347 21.98 32.79 -32.15
N HIS B 348 22.21 33.47 -33.28
CA HIS B 348 21.30 34.52 -33.71
C HIS B 348 21.03 34.53 -35.21
N LEU B 349 21.59 33.60 -35.98
CA LEU B 349 21.24 33.51 -37.39
C LEU B 349 19.83 32.96 -37.55
N PRO B 350 19.17 33.23 -38.68
CA PRO B 350 17.81 32.73 -38.88
C PRO B 350 17.75 31.21 -38.83
N ILE B 351 16.69 30.71 -38.21
CA ILE B 351 16.45 29.27 -38.06
C ILE B 351 15.32 28.87 -39.00
N GLN B 352 15.51 27.79 -39.75
CA GLN B 352 14.53 27.29 -40.70
C GLN B 352 14.27 25.82 -40.43
N LEU B 353 12.99 25.47 -40.28
CA LEU B 353 12.56 24.09 -40.15
C LEU B 353 11.96 23.65 -41.48
N ASP B 354 12.33 22.46 -41.94
CA ASP B 354 11.90 22.02 -43.27
C ASP B 354 11.92 20.50 -43.36
N ARG B 355 10.84 19.94 -43.92
CA ARG B 355 10.75 18.52 -44.23
C ARG B 355 11.04 17.64 -43.00
N VAL B 356 10.51 18.06 -41.86
CA VAL B 356 10.76 17.37 -40.60
C VAL B 356 9.56 16.51 -40.26
N SER B 357 9.81 15.22 -40.00
CA SER B 357 8.73 14.26 -39.79
C SER B 357 9.26 13.13 -38.92
N PHE B 358 8.75 13.01 -37.70
CA PHE B 358 9.07 11.89 -36.82
C PHE B 358 8.10 11.87 -35.66
N GLY B 359 7.67 10.68 -35.27
CA GLY B 359 6.86 10.50 -34.09
C GLY B 359 7.60 9.73 -33.02
N TYR B 360 7.30 8.44 -32.89
CA TYR B 360 8.01 7.55 -31.98
C TYR B 360 8.67 6.37 -32.68
N LYS B 361 8.05 5.81 -33.70
CA LYS B 361 8.59 4.68 -34.44
C LYS B 361 8.37 4.92 -35.92
N PRO B 362 9.15 4.27 -36.79
CA PRO B 362 9.04 4.55 -38.23
C PRO B 362 7.68 4.20 -38.82
N ASP B 363 6.82 3.49 -38.10
CA ASP B 363 5.49 3.14 -38.60
C ASP B 363 4.38 3.97 -37.96
N GLN B 364 4.71 4.87 -37.04
CA GLN B 364 3.71 5.67 -36.32
C GLN B 364 4.14 7.13 -36.27
N LEU B 365 4.53 7.68 -37.42
CA LEU B 365 4.97 9.07 -37.49
C LEU B 365 3.87 10.03 -37.07
N ILE B 366 4.02 10.65 -35.90
CA ILE B 366 3.09 11.68 -35.48
C ILE B 366 3.24 12.93 -36.35
N LEU B 367 4.47 13.23 -36.75
CA LEU B 367 4.79 14.42 -37.51
C LEU B 367 5.09 14.02 -38.96
N LYS B 368 4.67 14.86 -39.90
CA LYS B 368 4.75 14.50 -41.33
C LYS B 368 5.05 15.74 -42.19
N GLU B 369 6.28 15.81 -42.70
CA GLU B 369 6.69 16.72 -43.77
C GLU B 369 6.21 18.15 -43.51
N VAL B 370 6.76 18.75 -42.45
CA VAL B 370 6.39 20.09 -42.04
C VAL B 370 7.57 21.04 -42.23
N SER B 371 7.26 22.32 -42.44
CA SER B 371 8.29 23.33 -42.63
C SER B 371 7.80 24.64 -42.06
N ALA B 372 8.65 25.29 -41.27
CA ALA B 372 8.33 26.57 -40.66
C ALA B 372 9.58 27.43 -40.58
N VAL B 373 9.40 28.74 -40.71
CA VAL B 373 10.51 29.69 -40.68
C VAL B 373 10.28 30.66 -39.54
N ILE B 374 11.31 30.87 -38.73
CA ILE B 374 11.24 31.81 -37.61
C ILE B 374 12.17 33.00 -37.82
N GLU B 375 13.29 32.82 -38.51
CA GLU B 375 14.31 33.84 -38.81
C GLU B 375 14.83 34.53 -37.55
N ALA B 376 14.96 35.86 -37.53
CA ALA B 376 15.35 36.59 -36.33
C ALA B 376 14.09 37.29 -35.80
N GLY B 377 12.92 36.74 -36.10
CA GLY B 377 11.66 37.34 -35.71
C GLY B 377 11.49 37.44 -34.21
N LYS B 378 10.54 38.26 -33.77
CA LYS B 378 10.35 38.49 -32.34
C LYS B 378 9.88 37.22 -31.62
N VAL B 379 8.85 36.57 -32.15
CA VAL B 379 8.22 35.44 -31.47
C VAL B 379 7.85 34.36 -32.48
N THR B 380 7.34 33.24 -31.98
CA THR B 380 6.74 32.20 -32.82
C THR B 380 5.88 31.33 -31.92
N ALA B 381 4.58 31.30 -32.17
CA ALA B 381 3.63 30.59 -31.33
C ALA B 381 3.02 29.43 -32.09
N ILE B 382 2.91 28.27 -31.42
CA ILE B 382 2.35 27.06 -31.99
C ILE B 382 0.94 26.87 -31.43
N VAL B 383 -0.03 26.65 -32.32
CA VAL B 383 -1.43 26.48 -31.96
C VAL B 383 -1.92 25.19 -32.60
N GLY B 384 -2.91 24.55 -31.97
CA GLY B 384 -3.49 23.36 -32.53
C GLY B 384 -4.26 22.54 -31.51
N PRO B 385 -4.86 21.44 -31.95
CA PRO B 385 -5.52 20.53 -31.02
C PRO B 385 -4.53 19.83 -30.11
N SER B 386 -5.00 19.44 -28.93
CA SER B 386 -4.16 18.73 -27.98
C SER B 386 -3.73 17.39 -28.57
N GLY B 387 -2.43 17.12 -28.52
CA GLY B 387 -1.89 15.90 -29.08
C GLY B 387 -1.68 15.91 -30.57
N GLY B 388 -2.01 17.02 -31.25
CA GLY B 388 -1.83 17.10 -32.69
C GLY B 388 -0.46 17.47 -33.16
N GLY B 389 0.44 17.86 -32.25
CA GLY B 389 1.78 18.23 -32.63
C GLY B 389 2.33 19.42 -31.86
N LYS B 390 1.49 20.03 -31.03
CA LYS B 390 1.95 21.15 -30.21
C LYS B 390 3.03 20.71 -29.23
N THR B 391 2.85 19.56 -28.60
CA THR B 391 3.75 19.14 -27.53
C THR B 391 5.10 18.68 -28.07
N THR B 392 5.15 18.13 -29.27
CA THR B 392 6.40 17.56 -29.78
C THR B 392 7.32 18.62 -30.40
N LEU B 393 6.78 19.61 -31.10
CA LEU B 393 7.62 20.60 -31.76
C LEU B 393 8.41 21.41 -30.74
N PHE B 394 7.80 21.69 -29.59
CA PHE B 394 8.46 22.48 -28.55
C PHE B 394 9.80 21.87 -28.16
N LYS B 395 9.83 20.54 -28.01
CA LYS B 395 11.10 19.87 -27.70
C LYS B 395 11.92 19.58 -28.96
N LEU B 396 11.30 19.50 -30.13
CA LEU B 396 12.07 19.28 -31.35
C LEU B 396 12.98 20.47 -31.67
N LEU B 397 12.48 21.69 -31.46
CA LEU B 397 13.31 22.87 -31.75
C LEU B 397 14.57 22.90 -30.90
N GLU B 398 14.46 22.53 -29.62
CA GLU B 398 15.60 22.58 -28.71
C GLU B 398 16.20 21.19 -28.46
N ARG B 399 15.90 20.21 -29.30
CA ARG B 399 16.59 18.91 -29.31
C ARG B 399 16.44 18.14 -28.00
N PHE B 400 15.22 17.74 -27.68
CA PHE B 400 15.07 16.60 -26.78
C PHE B 400 15.05 15.28 -27.55
N TYR B 401 14.54 15.28 -28.77
CA TYR B 401 14.48 14.09 -29.60
C TYR B 401 15.35 14.28 -30.84
N SER B 402 15.94 13.19 -31.31
CA SER B 402 16.67 13.20 -32.57
C SER B 402 15.79 12.58 -33.65
N PRO B 403 15.24 13.39 -34.55
CA PRO B 403 14.27 12.88 -35.53
C PRO B 403 14.92 12.29 -36.77
N THR B 404 14.23 11.30 -37.34
CA THR B 404 14.58 10.74 -38.64
C THR B 404 13.98 11.63 -39.74
N ALA B 405 14.35 12.90 -39.67
CA ALA B 405 13.66 13.95 -40.41
C ALA B 405 14.66 14.72 -41.28
N GLY B 406 14.15 15.73 -41.97
CA GLY B 406 14.97 16.58 -42.79
C GLY B 406 15.81 17.53 -41.96
N THR B 407 16.74 18.19 -42.64
CA THR B 407 17.67 19.08 -41.97
C THR B 407 16.96 20.34 -41.47
N ILE B 408 17.44 20.86 -40.35
CA ILE B 408 16.97 22.12 -39.80
C ILE B 408 17.98 23.20 -40.17
N ARG B 409 17.56 24.12 -41.04
CA ARG B 409 18.47 25.06 -41.70
C ARG B 409 18.85 26.19 -40.75
N LEU B 410 19.90 25.96 -39.97
CA LEU B 410 20.53 27.06 -39.20
C LEU B 410 21.89 26.87 -39.81
N GLY B 411 21.91 26.76 -41.15
CA GLY B 411 23.14 26.32 -41.83
C GLY B 411 23.00 24.82 -41.79
N ASP B 412 21.77 24.35 -41.54
CA ASP B 412 21.51 22.91 -41.27
C ASP B 412 22.17 22.82 -39.90
N GLU B 413 21.82 23.73 -38.97
CA GLU B 413 22.54 23.95 -37.69
C GLU B 413 24.01 23.69 -37.96
N PRO B 414 24.66 24.32 -38.98
CA PRO B 414 25.92 23.83 -39.51
C PRO B 414 25.80 22.31 -39.71
N VAL B 415 24.78 21.82 -40.40
CA VAL B 415 24.62 20.33 -40.50
C VAL B 415 24.73 19.69 -39.11
N ASP B 416 23.96 20.14 -38.11
CA ASP B 416 23.96 19.60 -36.72
C ASP B 416 25.37 19.50 -36.12
N THR B 417 26.33 20.29 -36.61
CA THR B 417 27.68 20.30 -36.05
C THR B 417 27.93 21.33 -34.96
N TYR B 418 26.96 22.15 -34.58
CA TYR B 418 27.07 22.90 -33.33
C TYR B 418 27.27 21.96 -32.16
N SER B 419 28.00 22.43 -31.14
CA SER B 419 28.02 21.74 -29.87
C SER B 419 26.68 21.98 -29.21
N LEU B 420 25.68 21.20 -29.60
CA LEU B 420 24.29 21.46 -29.23
C LEU B 420 23.96 21.02 -27.82
N GLU B 421 24.79 20.19 -27.20
CA GLU B 421 24.71 20.00 -25.76
C GLU B 421 25.14 21.27 -25.02
N SER B 422 26.19 21.93 -25.51
CA SER B 422 26.61 23.20 -24.94
C SER B 422 25.71 24.34 -25.38
N TRP B 423 25.12 24.24 -26.57
CA TRP B 423 24.11 25.21 -27.00
C TRP B 423 22.90 25.22 -26.09
N ARG B 424 22.70 24.18 -25.28
CA ARG B 424 21.58 24.15 -24.35
C ARG B 424 21.63 25.31 -23.37
N GLU B 425 22.79 25.94 -23.18
CA GLU B 425 22.87 27.12 -22.33
C GLU B 425 22.35 28.33 -23.09
N HIS B 426 21.16 28.18 -23.67
CA HIS B 426 20.42 29.27 -24.30
C HIS B 426 18.93 29.20 -24.01
N ILE B 427 18.48 28.22 -23.23
CA ILE B 427 17.06 27.96 -23.05
C ILE B 427 16.50 28.85 -21.95
N GLY B 428 15.33 29.43 -22.23
CA GLY B 428 14.59 30.20 -21.24
C GLY B 428 13.30 29.50 -20.88
N TYR B 429 13.40 28.18 -20.69
CA TYR B 429 12.26 27.28 -20.51
C TYR B 429 11.22 27.82 -19.55
N VAL B 430 9.98 27.90 -20.03
CA VAL B 430 8.83 28.29 -19.21
C VAL B 430 7.77 27.20 -19.36
N SER B 431 7.03 26.94 -18.29
CA SER B 431 6.17 25.77 -18.17
C SER B 431 5.08 26.09 -17.14
N GLN B 432 4.45 25.04 -16.61
CA GLN B 432 3.75 25.19 -15.33
C GLN B 432 4.75 25.27 -14.18
N GLU B 433 5.99 24.86 -14.44
CA GLU B 433 7.08 24.81 -13.47
C GLU B 433 6.74 24.12 -12.15
N SER B 434 7.01 24.82 -11.05
CA SER B 434 7.25 24.27 -9.73
C SER B 434 8.31 23.17 -9.74
N PRO B 435 9.44 23.33 -10.49
CA PRO B 435 10.48 22.30 -10.44
C PRO B 435 11.54 22.63 -9.41
N LEU B 436 11.13 22.90 -8.18
CA LEU B 436 12.08 23.41 -7.18
C LEU B 436 13.02 22.32 -6.72
N MET B 437 14.21 22.27 -7.32
CA MET B 437 15.22 21.32 -6.87
C MET B 437 15.92 21.87 -5.62
N SER B 438 16.36 20.95 -4.76
CA SER B 438 16.97 21.28 -3.46
C SER B 438 15.91 22.04 -2.64
N GLY B 439 16.28 23.09 -1.91
CA GLY B 439 15.29 23.71 -1.05
C GLY B 439 15.33 25.21 -0.82
N THR B 440 16.18 25.96 -1.52
CA THR B 440 16.26 27.40 -1.28
C THR B 440 16.33 28.14 -2.60
N ILE B 441 16.15 29.47 -2.52
CA ILE B 441 16.43 30.34 -3.65
C ILE B 441 17.92 30.34 -3.95
N ARG B 442 18.75 30.37 -2.91
CA ARG B 442 20.18 30.20 -3.09
C ARG B 442 20.52 28.84 -3.67
N GLU B 443 19.66 27.83 -3.47
CA GLU B 443 19.84 26.57 -4.18
C GLU B 443 19.63 26.74 -5.67
N ASN B 444 18.66 27.57 -6.06
CA ASN B 444 18.48 27.89 -7.48
C ASN B 444 19.68 28.67 -8.01
N ILE B 445 20.26 29.53 -7.18
CA ILE B 445 21.48 30.25 -7.56
C ILE B 445 22.61 29.25 -7.80
N CYS B 446 22.77 28.30 -6.89
CA CYS B 446 23.80 27.27 -7.04
C CYS B 446 23.55 26.40 -8.26
N TYR B 447 22.27 26.22 -8.63
CA TYR B 447 21.93 25.49 -9.84
C TYR B 447 22.46 26.19 -11.08
N GLY B 448 22.65 27.50 -11.01
CA GLY B 448 23.15 28.26 -12.14
C GLY B 448 24.66 28.44 -12.12
N LEU B 449 25.39 27.55 -11.45
CA LEU B 449 26.83 27.68 -11.29
C LEU B 449 27.61 27.23 -12.53
N GLU B 450 26.96 27.11 -13.68
CA GLU B 450 27.67 26.71 -14.89
C GLU B 450 28.76 27.73 -15.24
N ARG B 451 28.39 29.01 -15.26
CA ARG B 451 29.29 30.11 -15.59
C ARG B 451 29.08 31.26 -14.59
N ASP B 452 29.16 30.93 -13.31
CA ASP B 452 29.05 31.92 -12.25
C ASP B 452 30.41 32.40 -11.77
N VAL B 453 31.39 32.48 -12.67
CA VAL B 453 32.65 33.13 -12.35
C VAL B 453 32.40 34.61 -12.04
N THR B 454 31.40 35.21 -12.70
CA THR B 454 30.96 36.56 -12.41
C THR B 454 29.77 36.60 -11.46
N ASP B 455 29.66 35.61 -10.55
CA ASP B 455 28.54 35.58 -9.61
C ASP B 455 28.54 36.78 -8.67
N ALA B 456 29.67 37.48 -8.57
CA ALA B 456 29.75 38.65 -7.68
C ALA B 456 28.72 39.71 -8.08
N GLU B 457 28.37 39.78 -9.37
CA GLU B 457 27.39 40.74 -9.86
C GLU B 457 26.34 39.99 -10.68
N ILE B 458 25.39 39.36 -9.99
CA ILE B 458 24.19 38.85 -10.63
C ILE B 458 22.91 39.18 -9.89
N GLU B 459 22.96 39.52 -8.60
CA GLU B 459 21.74 39.74 -7.83
C GLU B 459 21.11 41.09 -8.15
N LYS B 460 21.94 42.12 -8.36
CA LYS B 460 21.40 43.38 -8.84
C LYS B 460 20.87 43.25 -10.26
N ALA B 461 21.36 42.27 -11.02
CA ALA B 461 20.73 41.94 -12.29
C ALA B 461 19.34 41.35 -12.06
N ALA B 462 19.18 40.55 -11.01
CA ALA B 462 17.86 40.05 -10.66
C ALA B 462 16.95 41.20 -10.25
N GLU B 463 17.50 42.20 -9.56
CA GLU B 463 16.76 43.44 -9.33
C GLU B 463 16.34 44.08 -10.65
N MET B 464 17.27 44.15 -11.61
CA MET B 464 16.93 44.61 -12.95
C MET B 464 15.93 43.67 -13.62
N ALA B 465 15.99 42.38 -13.27
CA ALA B 465 15.04 41.41 -13.81
C ALA B 465 13.65 41.54 -13.19
N TYR B 466 13.43 42.53 -12.33
CA TYR B 466 12.15 42.90 -11.72
C TYR B 466 11.69 41.86 -10.70
N ALA B 467 12.40 40.74 -10.55
CA ALA B 467 11.96 39.70 -9.63
C ALA B 467 12.23 40.04 -8.18
N LEU B 468 13.38 40.66 -7.89
CA LEU B 468 13.80 40.84 -6.50
C LEU B 468 12.82 41.71 -5.71
N ASN B 469 12.14 42.64 -6.39
CA ASN B 469 11.15 43.46 -5.71
C ASN B 469 10.02 42.59 -5.15
N PHE B 470 9.55 41.62 -5.94
CA PHE B 470 8.58 40.67 -5.41
C PHE B 470 9.21 39.76 -4.36
N ILE B 471 10.45 39.33 -4.59
CA ILE B 471 11.16 38.49 -3.64
C ILE B 471 11.62 39.28 -2.41
N LYS B 472 11.40 40.59 -2.40
CA LYS B 472 11.82 41.41 -1.27
C LYS B 472 11.11 41.05 0.02
N GLU B 473 9.99 40.30 -0.04
CA GLU B 473 9.34 39.77 1.14
C GLU B 473 10.14 38.57 1.64
N LEU B 474 11.40 38.84 1.97
CA LEU B 474 12.38 37.80 2.25
C LEU B 474 12.46 37.54 3.75
N PRO B 475 12.28 36.30 4.20
CA PRO B 475 12.59 35.98 5.61
C PRO B 475 14.08 36.07 5.87
N ASN B 476 14.86 35.32 5.08
CA ASN B 476 16.31 35.40 5.14
C ASN B 476 16.89 35.82 3.79
N GLN B 477 16.42 35.17 2.71
CA GLN B 477 16.85 35.31 1.32
C GLN B 477 18.21 34.68 1.11
N PHE B 478 18.91 34.26 2.16
CA PHE B 478 20.18 33.56 2.05
C PHE B 478 20.09 32.10 2.40
N ASP B 479 19.08 31.71 3.19
CA ASP B 479 18.80 30.30 3.45
C ASP B 479 17.29 30.04 3.48
N THR B 480 16.51 30.87 2.80
CA THR B 480 15.05 30.74 2.81
C THR B 480 14.61 29.41 2.22
N GLU B 481 14.03 28.55 3.04
CA GLU B 481 13.64 27.22 2.59
C GLU B 481 12.36 27.29 1.77
N VAL B 482 12.39 26.66 0.59
CA VAL B 482 11.20 26.55 -0.24
C VAL B 482 10.35 25.36 0.14
N GLY B 483 10.77 24.59 1.14
CA GLY B 483 10.07 23.38 1.52
C GLY B 483 10.43 22.22 0.62
N GLU B 484 10.65 21.04 1.20
CA GLU B 484 10.93 19.86 0.41
C GLU B 484 9.75 19.57 -0.52
N ARG B 485 10.06 19.33 -1.80
CA ARG B 485 9.12 19.15 -2.90
C ARG B 485 8.43 20.46 -3.28
N GLY B 486 8.72 21.55 -2.59
CA GLY B 486 8.21 22.87 -2.96
C GLY B 486 6.70 23.00 -2.99
N ILE B 487 6.07 22.96 -1.81
CA ILE B 487 4.62 23.00 -1.72
C ILE B 487 4.15 24.20 -0.92
N MET B 488 4.98 25.23 -0.79
CA MET B 488 4.61 26.39 0.01
C MET B 488 4.83 27.70 -0.71
N LEU B 489 4.95 27.66 -2.04
CA LEU B 489 5.18 28.85 -2.84
C LEU B 489 4.04 29.06 -3.83
N SER B 490 3.77 30.33 -4.14
CA SER B 490 2.78 30.67 -5.15
C SER B 490 3.30 30.31 -6.54
N GLY B 491 2.37 29.93 -7.42
CA GLY B 491 2.76 29.57 -8.77
C GLY B 491 3.42 30.71 -9.52
N GLY B 492 2.83 31.91 -9.43
CA GLY B 492 3.40 33.06 -10.12
C GLY B 492 4.77 33.43 -9.58
N GLN B 493 5.01 33.18 -8.29
CA GLN B 493 6.33 33.42 -7.73
C GLN B 493 7.37 32.54 -8.41
N ARG B 494 7.07 31.25 -8.57
CA ARG B 494 7.99 30.38 -9.28
C ARG B 494 8.14 30.80 -10.73
N GLN B 495 7.02 31.20 -11.35
CA GLN B 495 7.08 31.76 -12.71
C GLN B 495 8.13 32.85 -12.81
N ARG B 496 7.97 33.91 -12.01
CA ARG B 496 8.83 35.07 -12.14
C ARG B 496 10.28 34.74 -11.77
N ILE B 497 10.49 33.95 -10.72
CA ILE B 497 11.87 33.65 -10.31
C ILE B 497 12.56 32.80 -11.37
N ALA B 498 11.82 31.85 -11.99
CA ALA B 498 12.40 31.05 -13.05
C ALA B 498 12.74 31.92 -14.27
N ILE B 499 11.84 32.84 -14.63
CA ILE B 499 12.10 33.72 -15.76
C ILE B 499 13.35 34.56 -15.50
N ALA B 500 13.47 35.11 -14.29
CA ALA B 500 14.64 35.92 -13.96
C ALA B 500 15.91 35.11 -13.99
N ARG B 501 15.90 33.92 -13.38
CA ARG B 501 17.09 33.08 -13.34
C ARG B 501 17.50 32.65 -14.74
N ALA B 502 16.53 32.46 -15.63
CA ALA B 502 16.85 32.11 -17.01
C ALA B 502 17.46 33.31 -17.74
N LEU B 503 16.82 34.47 -17.66
CA LEU B 503 17.23 35.60 -18.48
C LEU B 503 18.50 36.27 -17.99
N LEU B 504 18.87 36.10 -16.71
CA LEU B 504 19.95 36.89 -16.16
C LEU B 504 21.30 36.59 -16.82
N ARG B 505 21.44 35.43 -17.46
CA ARG B 505 22.69 35.16 -18.18
C ARG B 505 22.49 34.90 -19.66
N ASN B 506 21.58 34.00 -20.02
CA ASN B 506 21.47 33.48 -21.38
C ASN B 506 20.06 33.65 -21.91
N PRO B 507 19.70 34.88 -22.30
CA PRO B 507 18.36 35.16 -22.82
C PRO B 507 18.21 35.05 -24.33
N SER B 508 19.19 34.48 -25.03
CA SER B 508 19.19 34.44 -26.49
C SER B 508 18.00 33.69 -27.08
N ILE B 509 17.47 32.69 -26.38
CA ILE B 509 16.35 31.90 -26.88
C ILE B 509 15.40 31.65 -25.73
N LEU B 510 14.10 31.78 -25.99
CA LEU B 510 13.08 31.62 -24.96
C LEU B 510 12.17 30.46 -25.31
N MET B 511 11.97 29.55 -24.36
CA MET B 511 11.03 28.45 -24.47
C MET B 511 9.89 28.67 -23.49
N LEU B 512 8.65 28.48 -23.95
CA LEU B 512 7.50 28.62 -23.08
C LEU B 512 6.42 27.63 -23.52
N ASP B 513 5.75 27.04 -22.54
CA ASP B 513 4.59 26.18 -22.80
C ASP B 513 3.70 26.19 -21.57
N ALA B 514 2.53 26.82 -21.68
CA ALA B 514 1.63 27.00 -20.55
C ALA B 514 0.33 26.25 -20.83
N ALA B 515 -0.13 25.48 -19.83
CA ALA B 515 -1.37 24.73 -19.95
C ALA B 515 -2.33 24.97 -18.79
N THR B 516 -1.95 25.78 -17.80
CA THR B 516 -2.79 26.07 -16.65
C THR B 516 -2.97 27.57 -16.50
N SER B 517 -4.16 27.97 -16.05
CA SER B 517 -4.50 29.38 -15.86
C SER B 517 -5.21 29.56 -14.53
N SER B 518 -4.64 28.99 -13.46
CA SER B 518 -5.23 29.13 -12.13
C SER B 518 -5.15 30.57 -11.65
N LEU B 519 -3.93 31.09 -11.51
CA LEU B 519 -3.72 32.51 -11.21
C LEU B 519 -3.55 33.28 -12.51
N ASP B 520 -4.69 33.57 -13.14
CA ASP B 520 -4.68 34.07 -14.50
C ASP B 520 -4.26 35.54 -14.55
N SER B 521 -5.07 36.43 -13.98
CA SER B 521 -4.89 37.86 -14.23
C SER B 521 -3.55 38.41 -13.75
N GLN B 522 -3.33 38.39 -12.44
CA GLN B 522 -2.18 39.09 -11.86
C GLN B 522 -0.87 38.44 -12.28
N SER B 523 -0.78 37.12 -12.13
CA SER B 523 0.47 36.42 -12.44
C SER B 523 0.83 36.58 -13.90
N GLU B 524 -0.13 36.34 -14.80
CA GLU B 524 0.16 36.45 -16.22
C GLU B 524 0.52 37.87 -16.61
N LYS B 525 -0.21 38.87 -16.10
CA LYS B 525 0.11 40.25 -16.47
C LYS B 525 1.51 40.64 -15.99
N SER B 526 1.86 40.25 -14.76
CA SER B 526 3.16 40.62 -14.22
C SER B 526 4.29 39.93 -15.00
N VAL B 527 4.17 38.62 -15.22
CA VAL B 527 5.22 37.92 -15.95
C VAL B 527 5.30 38.42 -17.38
N GLN B 528 4.15 38.78 -17.97
CA GLN B 528 4.15 39.27 -19.35
C GLN B 528 4.89 40.59 -19.46
N GLN B 529 4.57 41.55 -18.60
CA GLN B 529 5.27 42.84 -18.67
C GLN B 529 6.75 42.66 -18.41
N ALA B 530 7.10 41.84 -17.39
CA ALA B 530 8.50 41.65 -17.05
C ALA B 530 9.27 41.04 -18.21
N LEU B 531 8.78 39.93 -18.76
CA LEU B 531 9.49 39.29 -19.86
C LEU B 531 9.54 40.21 -21.07
N GLU B 532 8.40 40.76 -21.50
CA GLU B 532 8.37 41.58 -22.70
C GLU B 532 9.33 42.76 -22.58
N VAL B 533 9.55 43.26 -21.37
CA VAL B 533 10.64 44.21 -21.16
C VAL B 533 11.99 43.52 -21.32
N LEU B 534 12.11 42.26 -20.86
CA LEU B 534 13.42 41.65 -20.69
C LEU B 534 13.89 40.78 -21.86
N MET B 535 13.16 40.69 -22.97
CA MET B 535 13.76 40.22 -24.22
C MET B 535 13.33 41.08 -25.42
N GLU B 536 13.51 42.39 -25.28
CA GLU B 536 13.18 43.31 -26.38
C GLU B 536 13.96 43.00 -27.65
N GLY B 537 15.08 42.29 -27.55
CA GLY B 537 15.88 42.00 -28.73
C GLY B 537 16.26 40.54 -28.90
N ARG B 538 15.36 39.62 -28.57
CA ARG B 538 15.65 38.20 -28.71
C ARG B 538 14.43 37.47 -29.25
N THR B 539 14.69 36.30 -29.85
CA THR B 539 13.66 35.47 -30.43
C THR B 539 13.12 34.49 -29.39
N THR B 540 11.79 34.30 -29.41
CA THR B 540 11.11 33.50 -28.41
C THR B 540 10.23 32.45 -29.06
N ILE B 541 9.97 31.38 -28.33
CA ILE B 541 9.00 30.36 -28.72
C ILE B 541 8.02 30.20 -27.55
N VAL B 542 6.73 30.36 -27.83
CA VAL B 542 5.71 30.40 -26.80
C VAL B 542 4.50 29.60 -27.23
N ILE B 543 4.02 28.73 -26.35
CA ILE B 543 2.73 28.05 -26.53
C ILE B 543 1.95 28.15 -25.22
N ALA B 544 1.14 29.19 -25.08
CA ALA B 544 0.47 29.41 -23.80
C ALA B 544 -1.05 29.32 -23.88
N HIS B 545 -1.67 30.10 -24.75
CA HIS B 545 -3.14 30.19 -24.74
C HIS B 545 -3.60 30.78 -26.07
N ARG B 546 -4.92 30.86 -26.23
CA ARG B 546 -5.53 31.32 -27.47
C ARG B 546 -5.19 32.77 -27.79
N LEU B 547 -5.61 33.70 -26.94
CA LEU B 547 -5.57 35.12 -27.28
C LEU B 547 -4.63 35.96 -26.43
N SER B 548 -4.41 35.62 -25.16
CA SER B 548 -3.40 36.34 -24.38
C SER B 548 -2.02 36.16 -24.99
N THR B 549 -1.73 34.94 -25.45
CA THR B 549 -0.44 34.65 -26.09
C THR B 549 -0.22 35.53 -27.31
N VAL B 550 -1.26 35.74 -28.11
CA VAL B 550 -1.09 36.42 -29.39
C VAL B 550 -1.03 37.93 -29.18
N VAL B 551 -1.76 38.44 -28.18
CA VAL B 551 -1.67 39.86 -27.88
C VAL B 551 -0.38 40.17 -27.14
N ASP B 552 0.29 39.17 -26.59
CA ASP B 552 1.61 39.37 -26.01
C ASP B 552 2.72 39.16 -27.04
N ALA B 553 2.47 38.36 -28.07
CA ALA B 553 3.49 37.93 -29.01
C ALA B 553 3.31 38.48 -30.43
N ASP B 554 2.10 38.44 -30.96
CA ASP B 554 1.73 38.99 -32.28
C ASP B 554 2.19 38.13 -33.46
N GLN B 555 2.54 36.87 -33.23
CA GLN B 555 2.78 35.94 -34.32
C GLN B 555 2.28 34.55 -33.95
N LEU B 556 1.85 33.80 -34.97
CA LEU B 556 1.21 32.50 -34.76
C LEU B 556 1.65 31.48 -35.80
N LEU B 557 1.67 30.22 -35.36
CA LEU B 557 1.72 29.04 -36.22
C LEU B 557 0.65 28.09 -35.74
N PHE B 558 0.15 27.23 -36.63
CA PHE B 558 -0.89 26.29 -36.30
C PHE B 558 -0.51 24.90 -36.80
N VAL B 559 -0.66 23.90 -35.94
CA VAL B 559 -0.36 22.52 -36.26
C VAL B 559 -1.64 21.71 -36.23
N GLU B 560 -1.87 20.92 -37.27
CA GLU B 560 -3.01 20.03 -37.36
C GLU B 560 -2.57 18.76 -38.07
N LYS B 561 -2.87 17.61 -37.45
CA LYS B 561 -2.49 16.30 -37.98
C LYS B 561 -0.99 16.26 -38.30
N GLY B 562 -0.20 16.92 -37.47
CA GLY B 562 1.23 17.02 -37.70
C GLY B 562 1.63 18.20 -38.55
N GLU B 563 0.90 18.45 -39.63
CA GLU B 563 1.27 19.49 -40.58
C GLU B 563 1.21 20.87 -39.92
N ILE B 564 2.13 21.74 -40.33
CA ILE B 564 2.26 23.08 -39.75
C ILE B 564 1.96 24.10 -40.83
N THR B 565 1.32 25.21 -40.43
CA THR B 565 1.01 26.28 -41.35
C THR B 565 0.86 27.59 -40.58
N GLY B 566 1.43 28.66 -41.12
CA GLY B 566 1.23 29.97 -40.55
C GLY B 566 2.17 31.01 -41.12
N ARG B 567 1.63 32.18 -41.47
CA ARG B 567 2.44 33.25 -42.05
C ARG B 567 1.78 34.58 -41.68
N GLY B 568 2.31 35.24 -40.67
CA GLY B 568 1.86 36.56 -40.29
C GLY B 568 1.22 36.57 -38.92
N THR B 569 0.43 37.62 -38.70
CA THR B 569 -0.18 37.91 -37.41
C THR B 569 -1.48 37.08 -37.29
N HIS B 570 -2.25 37.33 -36.23
CA HIS B 570 -3.44 36.53 -35.95
C HIS B 570 -4.52 36.72 -37.00
N HIS B 571 -4.73 37.97 -37.46
CA HIS B 571 -5.92 38.29 -38.23
C HIS B 571 -5.93 37.60 -39.60
N GLU B 572 -4.80 37.64 -40.31
CA GLU B 572 -4.76 37.01 -41.63
C GLU B 572 -4.80 35.49 -41.52
N LEU B 573 -4.22 34.94 -40.45
CA LEU B 573 -4.33 33.51 -40.20
C LEU B 573 -5.78 33.10 -39.97
N MET B 574 -6.53 33.90 -39.21
CA MET B 574 -7.95 33.61 -39.02
C MET B 574 -8.72 33.74 -40.32
N ALA B 575 -8.42 34.78 -41.12
CA ALA B 575 -9.13 34.96 -42.38
C ALA B 575 -8.88 33.81 -43.33
N SER B 576 -7.65 33.28 -43.34
CA SER B 576 -7.32 32.18 -44.24
C SER B 576 -7.64 30.83 -43.62
N HIS B 577 -7.05 30.53 -42.47
CA HIS B 577 -7.13 29.20 -41.87
C HIS B 577 -8.11 29.11 -40.71
N GLY B 578 -8.16 30.13 -39.85
CA GLY B 578 -8.97 30.10 -38.65
C GLY B 578 -10.42 30.47 -38.82
N LEU B 579 -10.88 30.67 -40.05
CA LEU B 579 -12.27 31.08 -40.27
C LEU B 579 -13.25 30.02 -39.78
N TYR B 580 -12.96 28.74 -40.05
CA TYR B 580 -13.85 27.66 -39.66
C TYR B 580 -13.22 26.64 -38.73
N ARG B 581 -12.02 26.88 -38.21
CA ARG B 581 -11.36 25.96 -37.29
C ARG B 581 -11.06 26.59 -35.93
N ASP B 582 -10.52 27.81 -35.90
CA ASP B 582 -10.04 28.36 -34.65
C ASP B 582 -11.18 28.84 -33.74
N PHE B 583 -12.31 29.27 -34.32
CA PHE B 583 -13.46 29.62 -33.49
C PHE B 583 -13.88 28.46 -32.58
N ALA B 584 -13.72 27.21 -33.04
CA ALA B 584 -14.01 26.08 -32.17
C ALA B 584 -13.10 26.08 -30.95
N GLU B 585 -11.80 26.33 -31.16
CA GLU B 585 -10.86 26.38 -30.04
C GLU B 585 -11.18 27.55 -29.11
N GLN B 586 -11.52 28.70 -29.67
CA GLN B 586 -11.87 29.86 -28.84
C GLN B 586 -13.09 29.55 -27.97
N GLN B 587 -14.12 28.94 -28.56
CA GLN B 587 -15.32 28.61 -27.79
C GLN B 587 -15.02 27.56 -26.73
N LEU B 588 -14.21 26.54 -27.08
CA LEU B 588 -13.90 25.49 -26.12
C LEU B 588 -13.09 26.03 -24.94
N LYS B 589 -12.12 26.90 -25.21
CA LYS B 589 -11.33 27.49 -24.12
C LYS B 589 -12.17 28.47 -23.31
N MET B 590 -13.13 29.14 -23.96
CA MET B 590 -14.03 30.02 -23.23
C MET B 590 -14.91 29.22 -22.26
N ASN B 591 -15.22 27.98 -22.61
CA ASN B 591 -16.04 27.11 -21.77
C ASN B 591 -15.28 26.72 -20.50
#